data_5LFL
#
_entry.id   5LFL
#
_cell.length_a   150.548
_cell.length_b   150.548
_cell.length_c   204.297
_cell.angle_alpha   90.00
_cell.angle_beta   90.00
_cell.angle_gamma   90.00
#
_symmetry.space_group_name_H-M   'I 4'
#
loop_
_entity.id
_entity.type
_entity.pdbx_description
1 polymer 'Magnetosome protein MamA'
2 non-polymer 'CHLORIDE ION'
3 water water
#
_entity_poly.entity_id   1
_entity_poly.type   'polypeptide(L)'
_entity_poly.pdbx_seq_one_letter_code
;MAMGDKAKLFRNISQRCLRRGSPEEALRFLKEWARHEKNDPEPLYQMGIALANLGDYQRAVTVFDKVLKLRPNHFMASYR
KGAVLLKIKQYKLALPVLEAVVAAAPADARAYYLLGLAYDGDEQLEKGIEAMQKAVDLDPEEIKYHQHLGFMNVRKDDHK
TAAEHFTKVMELERSQDSDEEELALVPRGSSAHHHHHHHHHH
;
_entity_poly.pdbx_strand_id   A,B,C,D,E,F
#
loop_
_chem_comp.id
_chem_comp.type
_chem_comp.name
_chem_comp.formula
CL non-polymer 'CHLORIDE ION' 'Cl -1'
#
# COMPACT_ATOMS: atom_id res chain seq x y z
N ALA A 2 1.94 32.27 1.35
CA ALA A 2 2.36 31.38 2.45
C ALA A 2 3.71 30.68 2.19
N MET A 3 4.27 30.73 0.96
CA MET A 3 5.56 30.09 0.69
C MET A 3 6.73 30.97 1.16
N GLY A 4 7.57 30.43 2.04
CA GLY A 4 8.68 31.19 2.62
C GLY A 4 9.74 31.58 1.60
N ASP A 5 10.51 32.61 1.91
CA ASP A 5 11.70 32.94 1.11
C ASP A 5 12.70 31.78 1.12
N LYS A 6 12.78 31.10 2.26
CA LYS A 6 13.73 30.00 2.44
C LYS A 6 13.38 28.87 1.51
N ALA A 7 12.10 28.52 1.53
CA ALA A 7 11.56 27.52 0.63
C ALA A 7 11.81 27.81 -0.85
N LYS A 8 11.70 29.08 -1.25
CA LYS A 8 11.91 29.49 -2.65
C LYS A 8 13.35 29.28 -3.06
N LEU A 9 14.27 29.71 -2.20
CA LEU A 9 15.72 29.53 -2.39
C LEU A 9 16.06 28.08 -2.64
N PHE A 10 15.56 27.20 -1.76
CA PHE A 10 15.91 25.78 -1.83
C PHE A 10 15.31 25.10 -3.05
N ARG A 11 14.09 25.46 -3.43
CA ARG A 11 13.49 24.97 -4.68
C ARG A 11 14.38 25.33 -5.85
N ASN A 12 14.74 26.61 -5.92
CA ASN A 12 15.57 27.15 -6.99
C ASN A 12 16.89 26.38 -7.11
N ILE A 13 17.58 26.12 -5.99
CA ILE A 13 18.84 25.38 -6.02
C ILE A 13 18.61 23.91 -6.40
N SER A 14 17.52 23.31 -5.90
CA SER A 14 17.16 21.92 -6.27
C SER A 14 17.04 21.71 -7.78
N GLN A 15 16.50 22.71 -8.46
CA GLN A 15 16.24 22.62 -9.89
C GLN A 15 17.50 22.71 -10.72
N ARG A 16 18.41 23.62 -10.35
CA ARG A 16 19.74 23.66 -10.97
C ARG A 16 20.50 22.35 -10.78
N CYS A 17 20.35 21.76 -9.59
CA CYS A 17 21.05 20.53 -9.28
C CYS A 17 20.47 19.36 -10.09
N LEU A 18 19.15 19.31 -10.28
CA LEU A 18 18.51 18.31 -11.18
C LEU A 18 18.81 18.59 -12.66
N ARG A 19 18.82 19.86 -13.05
CA ARG A 19 19.10 20.30 -14.43
C ARG A 19 20.59 20.17 -14.85
N ARG A 20 21.52 20.10 -13.88
CA ARG A 20 22.91 19.65 -14.12
C ARG A 20 23.05 18.14 -13.76
N GLY A 21 21.98 17.36 -13.96
CA GLY A 21 21.95 15.91 -13.71
C GLY A 21 22.63 15.35 -12.46
N SER A 22 22.48 16.05 -11.32
CA SER A 22 23.19 15.75 -10.05
C SER A 22 22.17 15.55 -8.90
N PRO A 23 21.35 14.47 -8.97
CA PRO A 23 20.26 14.28 -7.97
C PRO A 23 20.73 13.98 -6.53
N GLU A 24 21.97 13.53 -6.39
CA GLU A 24 22.59 13.33 -5.08
C GLU A 24 22.57 14.64 -4.28
N GLU A 25 23.05 15.72 -4.92
CA GLU A 25 23.06 17.06 -4.33
C GLU A 25 21.66 17.61 -4.20
N ALA A 26 20.86 17.49 -5.26
CA ALA A 26 19.47 17.97 -5.27
C ALA A 26 18.68 17.48 -4.06
N LEU A 27 18.83 16.19 -3.74
CA LEU A 27 18.25 15.63 -2.53
C LEU A 27 18.49 16.43 -1.27
N ARG A 28 19.75 16.84 -1.04
CA ARG A 28 20.12 17.54 0.18
C ARG A 28 19.29 18.81 0.38
N PHE A 29 19.04 19.51 -0.74
CA PHE A 29 18.27 20.77 -0.78
C PHE A 29 16.77 20.59 -0.82
N LEU A 30 16.29 19.51 -1.43
CA LEU A 30 14.87 19.20 -1.38
C LEU A 30 14.46 18.89 0.05
N LYS A 31 15.33 18.21 0.80
CA LYS A 31 15.09 17.98 2.24
C LYS A 31 14.99 19.28 3.05
N GLU A 32 15.73 20.30 2.64
CA GLU A 32 15.66 21.62 3.27
C GLU A 32 14.38 22.35 2.97
N TRP A 33 13.97 22.33 1.71
CA TRP A 33 12.65 22.84 1.32
C TRP A 33 11.59 22.17 2.19
N ALA A 34 11.65 20.85 2.30
CA ALA A 34 10.72 20.10 3.13
C ALA A 34 10.77 20.56 4.59
N ARG A 35 11.96 20.74 5.15
CA ARG A 35 12.07 21.18 6.54
C ARG A 35 11.25 22.43 6.79
N HIS A 36 11.38 23.41 5.91
CA HIS A 36 10.74 24.72 6.10
C HIS A 36 9.23 24.70 5.74
N GLU A 37 8.86 24.22 4.55
CA GLU A 37 7.44 24.06 4.22
C GLU A 37 7.02 22.60 4.46
N LYS A 38 6.96 22.21 5.73
CA LYS A 38 6.42 20.85 6.05
C LYS A 38 4.93 20.81 5.77
N ASN A 39 4.48 19.63 5.34
CA ASN A 39 3.14 19.43 4.79
C ASN A 39 2.90 19.96 3.37
N ASP A 40 3.86 20.67 2.75
CA ASP A 40 3.84 20.88 1.29
C ASP A 40 4.25 19.54 0.69
N PRO A 41 3.37 18.94 -0.11
CA PRO A 41 3.74 17.68 -0.72
C PRO A 41 4.80 17.80 -1.81
N GLU A 42 4.97 18.97 -2.43
CA GLU A 42 5.83 19.07 -3.62
C GLU A 42 7.30 18.70 -3.42
N PRO A 43 7.96 19.22 -2.36
CA PRO A 43 9.33 18.77 -2.12
C PRO A 43 9.47 17.25 -1.94
N LEU A 44 8.52 16.64 -1.25
CA LEU A 44 8.52 15.20 -1.06
C LEU A 44 8.37 14.46 -2.38
N TYR A 45 7.39 14.88 -3.18
CA TYR A 45 7.24 14.35 -4.54
C TYR A 45 8.56 14.42 -5.34
N GLN A 46 9.27 15.55 -5.27
CA GLN A 46 10.56 15.70 -5.96
C GLN A 46 11.67 14.80 -5.39
N MET A 47 11.74 14.69 -4.07
CA MET A 47 12.66 13.73 -3.41
C MET A 47 12.48 12.33 -3.96
N GLY A 48 11.21 11.91 -4.04
CA GLY A 48 10.82 10.65 -4.64
C GLY A 48 11.41 10.41 -6.03
N ILE A 49 11.31 11.43 -6.88
CA ILE A 49 11.84 11.35 -8.24
C ILE A 49 13.34 11.16 -8.22
N ALA A 50 14.02 11.95 -7.40
CA ALA A 50 15.49 11.90 -7.30
C ALA A 50 15.94 10.53 -6.81
N LEU A 51 15.33 10.10 -5.71
CA LEU A 51 15.61 8.78 -5.16
C LEU A 51 15.45 7.67 -6.20
N ALA A 52 14.41 7.75 -7.03
CA ALA A 52 14.20 6.76 -8.07
C ALA A 52 15.28 6.80 -9.17
N ASN A 53 15.75 8.00 -9.55
CA ASN A 53 16.86 8.12 -10.53
C ASN A 53 18.13 7.52 -9.94
N LEU A 54 18.41 7.81 -8.67
CA LEU A 54 19.58 7.27 -7.99
C LEU A 54 19.50 5.76 -7.75
N GLY A 55 18.31 5.19 -7.90
CA GLY A 55 18.11 3.76 -7.82
C GLY A 55 17.91 3.26 -6.42
N ASP A 56 17.62 4.17 -5.47
CA ASP A 56 17.21 3.79 -4.10
C ASP A 56 15.68 3.68 -4.12
N TYR A 57 15.21 2.63 -4.80
CA TYR A 57 13.80 2.45 -5.12
C TYR A 57 12.93 2.27 -3.87
N GLN A 58 13.45 1.52 -2.90
CA GLN A 58 12.66 1.21 -1.70
C GLN A 58 12.43 2.49 -0.91
N ARG A 59 13.45 3.34 -0.82
CA ARG A 59 13.34 4.68 -0.20
C ARG A 59 12.40 5.62 -0.97
N ALA A 60 12.41 5.51 -2.30
CA ALA A 60 11.51 6.30 -3.16
C ALA A 60 10.06 5.96 -2.92
N VAL A 61 9.74 4.67 -2.79
CA VAL A 61 8.36 4.27 -2.44
C VAL A 61 7.96 4.93 -1.12
N THR A 62 8.84 4.90 -0.13
CA THR A 62 8.54 5.41 1.21
C THR A 62 8.20 6.90 1.20
N VAL A 63 8.88 7.67 0.36
CA VAL A 63 8.66 9.11 0.21
C VAL A 63 7.38 9.36 -0.58
N PHE A 64 7.16 8.60 -1.66
CA PHE A 64 5.89 8.69 -2.40
C PHE A 64 4.70 8.36 -1.50
N ASP A 65 4.88 7.49 -0.51
CA ASP A 65 3.83 7.24 0.45
C ASP A 65 3.58 8.44 1.33
N LYS A 66 4.63 9.16 1.74
CA LYS A 66 4.47 10.40 2.50
C LYS A 66 3.64 11.41 1.71
N VAL A 67 3.97 11.61 0.45
CA VAL A 67 3.20 12.54 -0.37
C VAL A 67 1.76 12.07 -0.55
N LEU A 68 1.52 10.77 -0.66
CA LEU A 68 0.14 10.25 -0.79
C LEU A 68 -0.65 10.31 0.51
N LYS A 69 0.02 10.23 1.65
CA LYS A 69 -0.64 10.50 2.94
C LYS A 69 -1.15 11.95 3.00
N LEU A 70 -0.37 12.88 2.46
CA LEU A 70 -0.77 14.29 2.39
C LEU A 70 -1.83 14.59 1.32
N ARG A 71 -1.72 13.94 0.15
CA ARG A 71 -2.67 14.11 -0.95
C ARG A 71 -3.07 12.75 -1.52
N PRO A 72 -4.07 12.09 -0.90
CA PRO A 72 -4.48 10.75 -1.33
C PRO A 72 -4.68 10.55 -2.82
N ASN A 73 -5.11 11.57 -3.55
CA ASN A 73 -5.29 11.47 -5.00
C ASN A 73 -4.14 12.00 -5.85
N HIS A 74 -2.96 12.20 -5.25
CA HIS A 74 -1.81 12.77 -6.00
C HIS A 74 -1.53 11.76 -7.10
N PHE A 75 -1.85 12.16 -8.32
CA PHE A 75 -1.99 11.21 -9.40
C PHE A 75 -0.58 10.86 -9.90
N MET A 76 0.26 11.87 -10.13
CA MET A 76 1.69 11.60 -10.40
C MET A 76 2.46 10.78 -9.36
N ALA A 77 2.09 10.92 -8.09
CA ALA A 77 2.80 10.26 -7.02
C ALA A 77 2.48 8.76 -7.08
N SER A 78 1.23 8.42 -7.39
CA SER A 78 0.82 7.03 -7.62
C SER A 78 1.49 6.47 -8.85
N TYR A 79 1.44 7.21 -9.95
CA TYR A 79 2.11 6.79 -11.21
C TYR A 79 3.56 6.34 -10.95
N ARG A 80 4.35 7.17 -10.30
CA ARG A 80 5.77 6.89 -10.12
C ARG A 80 6.03 5.79 -9.09
N LYS A 81 5.19 5.75 -8.07
CA LYS A 81 5.24 4.68 -7.09
C LYS A 81 4.98 3.35 -7.78
N GLY A 82 3.88 3.27 -8.54
CA GLY A 82 3.57 2.09 -9.36
C GLY A 82 4.73 1.66 -10.25
N ALA A 83 5.35 2.64 -10.91
CA ALA A 83 6.44 2.37 -11.82
C ALA A 83 7.72 1.84 -11.15
N VAL A 84 8.00 2.27 -9.91
CA VAL A 84 9.17 1.70 -9.19
C VAL A 84 8.78 0.37 -8.55
N LEU A 85 7.56 0.25 -8.05
CA LEU A 85 7.08 -1.05 -7.56
C LEU A 85 7.21 -2.14 -8.62
N LEU A 86 6.99 -1.80 -9.89
CA LEU A 86 7.20 -2.72 -11.00
C LEU A 86 8.69 -3.06 -11.15
N LYS A 87 9.55 -2.04 -11.19
CA LYS A 87 11.01 -2.25 -11.35
C LYS A 87 11.56 -3.17 -10.27
N ILE A 88 11.16 -2.91 -9.02
CA ILE A 88 11.44 -3.75 -7.85
C ILE A 88 10.86 -5.18 -7.93
N LYS A 89 9.94 -5.43 -8.86
CA LYS A 89 9.27 -6.72 -9.02
C LYS A 89 8.25 -7.02 -7.92
N GLN A 90 7.78 -5.99 -7.22
CA GLN A 90 6.62 -6.12 -6.31
C GLN A 90 5.31 -5.96 -7.10
N TYR A 91 4.97 -6.99 -7.89
CA TYR A 91 3.89 -6.88 -8.86
C TYR A 91 2.52 -6.77 -8.20
N LYS A 92 2.24 -7.59 -7.20
CA LYS A 92 0.92 -7.63 -6.53
C LYS A 92 0.48 -6.29 -5.96
N LEU A 93 1.47 -5.55 -5.45
CA LEU A 93 1.27 -4.31 -4.76
C LEU A 93 1.25 -3.13 -5.73
N ALA A 94 1.92 -3.28 -6.87
CA ALA A 94 1.87 -2.31 -7.96
C ALA A 94 0.52 -2.31 -8.69
N LEU A 95 -0.20 -3.42 -8.67
CA LEU A 95 -1.46 -3.56 -9.41
C LEU A 95 -2.56 -2.57 -9.00
N PRO A 96 -2.93 -2.52 -7.69
CA PRO A 96 -3.92 -1.53 -7.26
C PRO A 96 -3.52 -0.06 -7.48
N VAL A 97 -2.22 0.21 -7.42
CA VAL A 97 -1.69 1.55 -7.62
C VAL A 97 -1.87 1.97 -9.06
N LEU A 98 -1.37 1.15 -9.98
CA LEU A 98 -1.44 1.41 -11.41
C LEU A 98 -2.88 1.42 -11.92
N GLU A 99 -3.74 0.58 -11.33
CA GLU A 99 -5.15 0.49 -11.72
C GLU A 99 -5.94 1.79 -11.38
N ALA A 100 -5.43 2.47 -10.36
CA ALA A 100 -5.91 3.78 -9.92
C ALA A 100 -5.44 4.90 -10.80
N VAL A 101 -4.22 4.78 -11.32
CA VAL A 101 -3.65 5.72 -12.30
C VAL A 101 -4.46 5.69 -13.59
N VAL A 102 -4.77 4.50 -14.06
CA VAL A 102 -5.54 4.34 -15.29
C VAL A 102 -6.99 4.82 -15.14
N ALA A 103 -7.52 4.76 -13.92
CA ALA A 103 -8.86 5.30 -13.65
C ALA A 103 -8.87 6.84 -13.64
N ALA A 104 -7.74 7.45 -13.30
CA ALA A 104 -7.55 8.90 -13.34
C ALA A 104 -7.27 9.41 -14.73
N ALA A 105 -6.66 8.56 -15.56
CA ALA A 105 -6.04 8.96 -16.82
C ALA A 105 -6.30 7.91 -17.88
N PRO A 106 -7.58 7.68 -18.20
CA PRO A 106 -7.90 6.47 -18.96
C PRO A 106 -7.45 6.40 -20.40
N ALA A 107 -6.75 7.43 -20.89
CA ALA A 107 -6.19 7.44 -22.22
C ALA A 107 -4.67 7.49 -22.20
N ASP A 108 -4.07 7.31 -21.03
CA ASP A 108 -2.62 7.27 -20.88
C ASP A 108 -2.15 5.88 -21.31
N ALA A 109 -1.66 5.75 -22.53
CA ALA A 109 -1.23 4.44 -23.04
C ALA A 109 -0.17 3.80 -22.16
N ARG A 110 0.77 4.61 -21.68
CA ARG A 110 1.86 4.08 -20.88
C ARG A 110 1.41 3.49 -19.55
N ALA A 111 0.46 4.14 -18.88
CA ALA A 111 -0.10 3.60 -17.64
C ALA A 111 -0.59 2.17 -17.85
N TYR A 112 -1.36 1.96 -18.92
CA TYR A 112 -1.88 0.65 -19.27
C TYR A 112 -0.78 -0.35 -19.60
N TYR A 113 0.31 0.10 -20.19
CA TYR A 113 1.50 -0.74 -20.43
C TYR A 113 2.12 -1.25 -19.13
N LEU A 114 2.42 -0.34 -18.21
CA LEU A 114 2.95 -0.70 -16.90
C LEU A 114 1.97 -1.60 -16.16
N LEU A 115 0.69 -1.30 -16.27
CA LEU A 115 -0.31 -2.18 -15.68
C LEU A 115 -0.23 -3.58 -16.25
N GLY A 116 -0.14 -3.70 -17.57
CA GLY A 116 0.01 -5.02 -18.21
C GLY A 116 1.24 -5.79 -17.78
N LEU A 117 2.35 -5.09 -17.61
CA LEU A 117 3.59 -5.70 -17.14
C LEU A 117 3.48 -6.17 -15.69
N ALA A 118 2.78 -5.40 -14.86
CA ALA A 118 2.47 -5.82 -13.48
C ALA A 118 1.60 -7.08 -13.44
N TYR A 119 0.50 -7.11 -14.20
CA TYR A 119 -0.36 -8.29 -14.27
C TYR A 119 0.40 -9.49 -14.80
N ASP A 120 1.23 -9.27 -15.80
CA ASP A 120 2.01 -10.34 -16.39
C ASP A 120 2.97 -10.94 -15.39
N GLY A 121 3.65 -10.08 -14.65
CA GLY A 121 4.55 -10.48 -13.57
C GLY A 121 3.87 -11.23 -12.45
N ASP A 122 2.58 -10.95 -12.21
CA ASP A 122 1.76 -11.64 -11.20
C ASP A 122 1.09 -12.95 -11.74
N GLU A 123 1.51 -13.39 -12.92
CA GLU A 123 0.95 -14.56 -13.60
C GLU A 123 -0.56 -14.47 -13.76
N GLN A 124 -1.03 -13.27 -14.11
CA GLN A 124 -2.38 -13.04 -14.57
C GLN A 124 -2.25 -12.72 -16.03
N LEU A 125 -1.88 -13.75 -16.79
CA LEU A 125 -1.55 -13.54 -18.20
C LEU A 125 -2.69 -12.89 -18.98
N GLU A 126 -3.92 -13.29 -18.71
CA GLU A 126 -5.07 -12.84 -19.49
C GLU A 126 -5.38 -11.34 -19.25
N LYS A 127 -5.27 -10.93 -18.00
CA LYS A 127 -5.45 -9.50 -17.62
C LYS A 127 -4.29 -8.62 -18.09
N GLY A 128 -3.09 -9.20 -18.17
CA GLY A 128 -1.94 -8.52 -18.76
C GLY A 128 -2.14 -8.26 -20.22
N ILE A 129 -2.76 -9.20 -20.94
CA ILE A 129 -3.04 -9.03 -22.37
C ILE A 129 -4.10 -7.96 -22.58
N GLU A 130 -5.20 -8.03 -21.82
CA GLU A 130 -6.22 -6.98 -21.76
C GLU A 130 -5.61 -5.59 -21.72
N ALA A 131 -4.70 -5.37 -20.77
CA ALA A 131 -4.13 -4.05 -20.47
C ALA A 131 -3.17 -3.58 -21.54
N MET A 132 -2.28 -4.48 -21.98
CA MET A 132 -1.34 -4.17 -23.04
C MET A 132 -2.08 -3.87 -24.34
N GLN A 133 -3.15 -4.60 -24.60
CA GLN A 133 -4.04 -4.35 -25.73
C GLN A 133 -4.63 -2.95 -25.70
N LYS A 134 -5.00 -2.47 -24.52
CA LYS A 134 -5.48 -1.09 -24.37
C LYS A 134 -4.37 -0.11 -24.74
N ALA A 135 -3.15 -0.38 -24.29
CA ALA A 135 -1.99 0.49 -24.60
C ALA A 135 -1.69 0.55 -26.09
N VAL A 136 -1.82 -0.58 -26.77
CA VAL A 136 -1.60 -0.67 -28.22
C VAL A 136 -2.67 0.12 -28.96
N ASP A 137 -3.91 0.03 -28.52
CA ASP A 137 -5.00 0.79 -29.13
C ASP A 137 -4.86 2.29 -28.88
N LEU A 138 -4.36 2.64 -27.71
CA LEU A 138 -4.15 4.04 -27.34
C LEU A 138 -2.92 4.68 -27.99
N ASP A 139 -2.00 3.87 -28.54
CA ASP A 139 -0.77 4.36 -29.15
C ASP A 139 -0.18 3.28 -30.09
N PRO A 140 -0.77 3.13 -31.29
CA PRO A 140 -0.42 1.98 -32.13
C PRO A 140 0.93 2.12 -32.85
N GLU A 141 1.52 3.31 -32.80
CA GLU A 141 2.86 3.53 -33.37
C GLU A 141 4.00 3.03 -32.46
N GLU A 142 3.73 2.89 -31.15
CA GLU A 142 4.78 2.50 -30.20
C GLU A 142 5.15 1.04 -30.34
N ILE A 143 6.45 0.78 -30.47
CA ILE A 143 6.96 -0.55 -30.81
C ILE A 143 6.94 -1.46 -29.58
N LYS A 144 7.39 -0.93 -28.44
CA LYS A 144 7.42 -1.68 -27.17
C LYS A 144 6.14 -2.44 -26.87
N TYR A 145 5.00 -1.79 -27.08
CA TYR A 145 3.68 -2.36 -26.74
C TYR A 145 3.32 -3.53 -27.66
N HIS A 146 3.69 -3.46 -28.93
CA HIS A 146 3.53 -4.60 -29.84
C HIS A 146 4.47 -5.75 -29.50
N GLN A 147 5.71 -5.43 -29.10
CA GLN A 147 6.68 -6.46 -28.65
C GLN A 147 6.09 -7.31 -27.55
N HIS A 148 5.69 -6.65 -26.46
CA HIS A 148 5.16 -7.35 -25.28
C HIS A 148 3.88 -8.12 -25.55
N LEU A 149 2.95 -7.52 -26.27
CA LEU A 149 1.68 -8.18 -26.64
C LEU A 149 1.97 -9.45 -27.46
N GLY A 150 2.98 -9.38 -28.31
CA GLY A 150 3.44 -10.52 -29.08
C GLY A 150 3.88 -11.67 -28.20
N PHE A 151 4.77 -11.36 -27.25
CA PHE A 151 5.28 -12.37 -26.34
C PHE A 151 4.23 -12.93 -25.37
N MET A 152 3.37 -12.05 -24.85
CA MET A 152 2.20 -12.50 -24.09
C MET A 152 1.36 -13.52 -24.86
N ASN A 153 1.13 -13.27 -26.15
CA ASN A 153 0.42 -14.23 -27.01
C ASN A 153 1.21 -15.53 -27.23
N VAL A 154 2.53 -15.43 -27.32
CA VAL A 154 3.40 -16.62 -27.39
C VAL A 154 3.16 -17.48 -26.15
N ARG A 155 3.26 -16.85 -24.98
CA ARG A 155 3.14 -17.56 -23.68
C ARG A 155 1.80 -18.30 -23.51
N LYS A 156 0.75 -17.78 -24.16
CA LYS A 156 -0.60 -18.39 -24.18
C LYS A 156 -0.81 -19.37 -25.37
N ASP A 157 0.28 -19.70 -26.09
CA ASP A 157 0.24 -20.48 -27.38
C ASP A 157 -0.89 -20.09 -28.38
N ASP A 158 -0.93 -18.79 -28.68
CA ASP A 158 -1.69 -18.23 -29.81
C ASP A 158 -0.66 -17.59 -30.75
N HIS A 159 0.12 -18.46 -31.40
CA HIS A 159 1.21 -18.03 -32.31
C HIS A 159 0.75 -17.27 -33.55
N LYS A 160 -0.54 -17.40 -33.93
CA LYS A 160 -1.12 -16.57 -35.00
C LYS A 160 -1.11 -15.07 -34.62
N THR A 161 -1.73 -14.75 -33.49
CA THR A 161 -1.84 -13.35 -33.03
C THR A 161 -0.46 -12.80 -32.64
N ALA A 162 0.42 -13.69 -32.15
CA ALA A 162 1.80 -13.32 -31.85
C ALA A 162 2.50 -12.87 -33.12
N ALA A 163 2.37 -13.69 -34.18
CA ALA A 163 2.98 -13.38 -35.49
C ALA A 163 2.53 -12.00 -35.97
N GLU A 164 1.21 -11.78 -35.95
CA GLU A 164 0.62 -10.49 -36.33
C GLU A 164 1.34 -9.32 -35.71
N HIS A 165 1.50 -9.40 -34.39
CA HIS A 165 2.10 -8.31 -33.64
C HIS A 165 3.56 -8.11 -33.96
N PHE A 166 4.31 -9.20 -34.07
CA PHE A 166 5.75 -9.10 -34.40
C PHE A 166 5.98 -8.58 -35.82
N THR A 167 5.12 -8.96 -36.77
CA THR A 167 5.22 -8.42 -38.14
C THR A 167 5.07 -6.93 -38.08
N LYS A 168 4.08 -6.47 -37.32
CA LYS A 168 3.91 -5.04 -37.05
C LYS A 168 5.15 -4.41 -36.38
N VAL A 169 5.74 -5.12 -35.41
CA VAL A 169 6.99 -4.63 -34.75
C VAL A 169 8.05 -4.26 -35.77
N MET A 170 8.18 -5.07 -36.80
CA MET A 170 9.20 -4.84 -37.80
C MET A 170 8.83 -3.75 -38.82
N GLU A 171 7.58 -3.74 -39.26
CA GLU A 171 7.05 -2.64 -40.09
C GLU A 171 7.33 -1.30 -39.44
N LEU A 172 7.09 -1.21 -38.14
CA LEU A 172 7.49 -0.02 -37.38
C LEU A 172 9.00 0.28 -37.43
N GLU A 173 9.83 -0.77 -37.36
CA GLU A 173 11.30 -0.63 -37.37
C GLU A 173 11.87 -0.20 -38.73
N ARG A 174 11.41 -0.83 -39.82
CA ARG A 174 11.72 -0.36 -41.19
C ARG A 174 11.30 1.12 -41.39
N SER A 175 10.13 1.45 -40.85
CA SER A 175 9.57 2.79 -40.88
C SER A 175 10.27 3.81 -39.98
N GLN A 176 11.23 3.43 -39.12
CA GLN A 176 11.96 4.40 -38.25
C GLN A 176 13.39 4.73 -38.82
N ASP A 177 13.59 4.43 -40.12
CA ASP A 177 14.79 4.73 -40.89
C ASP A 177 14.31 5.46 -42.19
N SER A 178 13.04 5.91 -42.21
CA SER A 178 12.25 6.26 -43.41
C SER A 178 10.77 6.50 -43.02
N ALA B 2 12.53 2.73 29.57
CA ALA B 2 12.18 3.89 28.72
C ALA B 2 10.68 4.25 28.74
N MET B 3 9.80 3.38 29.25
CA MET B 3 8.36 3.65 29.22
C MET B 3 7.95 4.59 30.36
N GLY B 4 7.35 5.72 30.00
CA GLY B 4 6.96 6.73 30.98
C GLY B 4 5.88 6.26 31.95
N ASP B 5 5.79 6.90 33.10
CA ASP B 5 4.65 6.67 34.02
C ASP B 5 3.33 7.05 33.34
N LYS B 6 3.38 8.11 32.53
CA LYS B 6 2.19 8.64 31.85
C LYS B 6 1.68 7.62 30.87
N ALA B 7 2.59 7.09 30.07
CA ALA B 7 2.29 6.02 29.13
C ALA B 7 1.66 4.79 29.80
N LYS B 8 2.14 4.41 30.99
CA LYS B 8 1.63 3.24 31.71
C LYS B 8 0.19 3.46 32.15
N LEU B 9 -0.07 4.65 32.72
CA LEU B 9 -1.41 5.08 33.13
C LEU B 9 -2.41 4.96 31.98
N PHE B 10 -2.05 5.52 30.83
CA PHE B 10 -2.95 5.56 29.69
C PHE B 10 -3.21 4.19 29.10
N ARG B 11 -2.18 3.34 29.03
CA ARG B 11 -2.36 1.94 28.62
C ARG B 11 -3.39 1.26 29.51
N ASN B 12 -3.16 1.38 30.82
CA ASN B 12 -4.00 0.79 31.83
C ASN B 12 -5.48 1.20 31.67
N ILE B 13 -5.74 2.50 31.47
CA ILE B 13 -7.10 3.00 31.27
C ILE B 13 -7.67 2.51 29.94
N SER B 14 -6.85 2.48 28.88
CA SER B 14 -7.28 1.97 27.56
C SER B 14 -7.83 0.55 27.63
N GLN B 15 -7.22 -0.27 28.46
CA GLN B 15 -7.59 -1.68 28.58
C GLN B 15 -8.89 -1.88 29.30
N ARG B 16 -9.11 -1.15 30.39
CA ARG B 16 -10.42 -1.13 31.05
C ARG B 16 -11.53 -0.68 30.12
N CYS B 17 -11.22 0.32 29.29
CA CYS B 17 -12.20 0.87 28.38
C CYS B 17 -12.53 -0.13 27.26
N LEU B 18 -11.54 -0.87 26.76
CA LEU B 18 -11.78 -1.98 25.80
C LEU B 18 -12.48 -3.19 26.45
N ARG B 19 -12.07 -3.49 27.71
CA ARG B 19 -12.63 -4.61 28.49
C ARG B 19 -14.09 -4.36 29.00
N ARG B 20 -14.51 -3.09 29.09
CA ARG B 20 -15.94 -2.74 29.25
C ARG B 20 -16.56 -2.38 27.88
N GLY B 21 -16.09 -3.03 26.80
CA GLY B 21 -16.59 -2.86 25.43
C GLY B 21 -16.92 -1.44 24.94
N SER B 22 -16.06 -0.47 25.28
CA SER B 22 -16.29 0.97 25.02
C SER B 22 -15.10 1.58 24.22
N PRO B 23 -14.90 1.13 22.95
CA PRO B 23 -13.72 1.57 22.17
C PRO B 23 -13.69 3.06 21.79
N GLU B 24 -14.85 3.71 21.83
CA GLU B 24 -14.96 5.15 21.61
C GLU B 24 -14.08 5.89 22.62
N GLU B 25 -14.25 5.55 23.90
CA GLU B 25 -13.47 6.11 25.01
C GLU B 25 -12.03 5.66 24.94
N ALA B 26 -11.83 4.35 24.76
CA ALA B 26 -10.48 3.76 24.67
C ALA B 26 -9.58 4.52 23.68
N LEU B 27 -10.13 4.83 22.51
CA LEU B 27 -9.44 5.65 21.53
C LEU B 27 -8.83 6.92 22.10
N ARG B 28 -9.61 7.68 22.87
CA ARG B 28 -9.15 8.97 23.39
C ARG B 28 -7.86 8.83 24.20
N PHE B 29 -7.77 7.73 24.97
CA PHE B 29 -6.63 7.40 25.84
C PHE B 29 -5.48 6.72 25.12
N LEU B 30 -5.77 5.93 24.09
CA LEU B 30 -4.72 5.37 23.26
C LEU B 30 -3.96 6.48 22.53
N LYS B 31 -4.69 7.51 22.10
CA LYS B 31 -4.06 8.70 21.50
C LYS B 31 -3.12 9.43 22.47
N GLU B 32 -3.44 9.40 23.76
CA GLU B 32 -2.59 9.98 24.80
C GLU B 32 -1.34 9.17 25.05
N TRP B 33 -1.49 7.86 25.14
CA TRP B 33 -0.33 6.97 25.17
C TRP B 33 0.59 7.29 23.99
N ALA B 34 0.01 7.38 22.79
CA ALA B 34 0.78 7.72 21.61
C ALA B 34 1.48 9.07 21.73
N ARG B 35 0.78 10.09 22.24
CA ARG B 35 1.39 11.41 22.41
C ARG B 35 2.70 11.32 23.17
N HIS B 36 2.68 10.60 24.29
CA HIS B 36 3.84 10.52 25.18
C HIS B 36 4.95 9.57 24.68
N GLU B 37 4.59 8.33 24.33
CA GLU B 37 5.56 7.42 23.73
C GLU B 37 5.39 7.42 22.22
N LYS B 38 5.76 8.54 21.57
CA LYS B 38 5.76 8.59 20.09
C LYS B 38 6.86 7.68 19.55
N ASN B 39 6.57 7.09 18.40
CA ASN B 39 7.37 6.00 17.82
C ASN B 39 7.24 4.62 18.49
N ASP B 40 6.51 4.50 19.61
CA ASP B 40 6.08 3.17 20.09
C ASP B 40 4.95 2.76 19.16
N PRO B 41 5.12 1.64 18.43
CA PRO B 41 4.04 1.22 17.56
C PRO B 41 2.82 0.69 18.29
N GLU B 42 2.94 0.23 19.54
CA GLU B 42 1.83 -0.49 20.18
C GLU B 42 0.55 0.31 20.38
N PRO B 43 0.62 1.55 20.88
CA PRO B 43 -0.63 2.34 20.95
C PRO B 43 -1.32 2.53 19.59
N LEU B 44 -0.54 2.73 18.54
CA LEU B 44 -1.09 2.87 17.20
C LEU B 44 -1.77 1.58 16.75
N TYR B 45 -1.08 0.46 16.91
CA TYR B 45 -1.69 -0.85 16.66
C TYR B 45 -3.04 -1.02 17.38
N GLN B 46 -3.11 -0.63 18.65
CA GLN B 46 -4.38 -0.69 19.42
C GLN B 46 -5.46 0.25 18.90
N MET B 47 -5.08 1.48 18.56
CA MET B 47 -5.99 2.45 17.93
C MET B 47 -6.65 1.83 16.69
N GLY B 48 -5.81 1.21 15.85
CA GLY B 48 -6.26 0.45 14.68
C GLY B 48 -7.37 -0.54 14.98
N ILE B 49 -7.16 -1.33 16.04
CA ILE B 49 -8.14 -2.34 16.45
C ILE B 49 -9.44 -1.69 16.84
N ALA B 50 -9.36 -0.63 17.64
CA ALA B 50 -10.55 0.08 18.14
C ALA B 50 -11.33 0.68 16.96
N LEU B 51 -10.60 1.40 16.11
CA LEU B 51 -11.20 1.97 14.92
C LEU B 51 -11.93 0.93 14.08
N ALA B 52 -11.35 -0.25 13.92
CA ALA B 52 -11.99 -1.33 13.17
C ALA B 52 -13.27 -1.86 13.86
N ASN B 53 -13.29 -1.97 15.19
CA ASN B 53 -14.52 -2.37 15.92
C ASN B 53 -15.59 -1.32 15.73
N LEU B 54 -15.22 -0.05 15.83
CA LEU B 54 -16.17 1.06 15.63
C LEU B 54 -16.68 1.18 14.19
N GLY B 55 -15.99 0.52 13.26
CA GLY B 55 -16.40 0.45 11.87
C GLY B 55 -15.93 1.63 11.05
N ASP B 56 -14.94 2.38 11.56
CA ASP B 56 -14.26 3.44 10.80
C ASP B 56 -13.07 2.77 10.12
N TYR B 57 -13.37 1.93 9.14
CA TYR B 57 -12.39 1.03 8.51
C TYR B 57 -11.31 1.80 7.77
N GLN B 58 -11.69 2.87 7.07
CA GLN B 58 -10.72 3.62 6.26
C GLN B 58 -9.69 4.27 7.17
N ARG B 59 -10.14 4.82 8.30
CA ARG B 59 -9.25 5.37 9.35
C ARG B 59 -8.36 4.31 10.00
N ALA B 60 -8.91 3.11 10.17
CA ALA B 60 -8.15 1.97 10.71
C ALA B 60 -7.00 1.58 9.82
N VAL B 61 -7.22 1.52 8.51
CA VAL B 61 -6.14 1.24 7.56
C VAL B 61 -5.03 2.29 7.72
N THR B 62 -5.42 3.56 7.83
CA THR B 62 -4.45 4.66 7.92
C THR B 62 -3.53 4.55 9.12
N VAL B 63 -4.09 4.09 10.25
CA VAL B 63 -3.34 3.90 11.50
C VAL B 63 -2.47 2.66 11.40
N PHE B 64 -3.01 1.58 10.84
CA PHE B 64 -2.20 0.37 10.59
C PHE B 64 -1.03 0.67 9.66
N ASP B 65 -1.19 1.62 8.76
CA ASP B 65 -0.06 2.05 7.92
C ASP B 65 0.99 2.79 8.74
N LYS B 66 0.57 3.60 9.70
CA LYS B 66 1.52 4.26 10.61
C LYS B 66 2.35 3.22 11.37
N VAL B 67 1.69 2.22 11.93
CA VAL B 67 2.42 1.17 12.64
C VAL B 67 3.34 0.39 11.72
N LEU B 68 2.94 0.16 10.46
CA LEU B 68 3.80 -0.55 9.50
C LEU B 68 4.96 0.29 8.99
N LYS B 69 4.80 1.60 8.93
CA LYS B 69 5.93 2.49 8.67
C LYS B 69 7.00 2.38 9.77
N LEU B 70 6.57 2.24 11.01
CA LEU B 70 7.47 2.04 12.15
C LEU B 70 8.07 0.65 12.22
N ARG B 71 7.27 -0.39 11.93
CA ARG B 71 7.71 -1.79 11.95
CA ARG B 71 7.71 -1.79 11.95
C ARG B 71 7.25 -2.51 10.70
N PRO B 72 8.02 -2.39 9.59
CA PRO B 72 7.63 -2.99 8.31
C PRO B 72 7.16 -4.43 8.36
N ASN B 73 7.67 -5.25 9.27
CA ASN B 73 7.23 -6.64 9.39
C ASN B 73 6.19 -6.91 10.49
N HIS B 74 5.53 -5.86 11.00
CA HIS B 74 4.55 -6.04 12.09
C HIS B 74 3.48 -6.94 11.53
N PHE B 75 3.46 -8.17 12.03
CA PHE B 75 2.77 -9.24 11.33
C PHE B 75 1.27 -9.12 11.65
N MET B 76 0.94 -8.94 12.92
CA MET B 76 -0.45 -8.59 13.29
C MET B 76 -1.06 -7.34 12.64
N ALA B 77 -0.23 -6.35 12.35
CA ALA B 77 -0.70 -5.09 11.80
C ALA B 77 -1.10 -5.32 10.35
N SER B 78 -0.32 -6.15 9.63
CA SER B 78 -0.67 -6.57 8.27
C SER B 78 -1.93 -7.42 8.28
N TYR B 79 -1.98 -8.41 9.15
CA TYR B 79 -3.16 -9.28 9.28
C TYR B 79 -4.46 -8.46 9.37
N ARG B 80 -4.51 -7.51 10.29
CA ARG B 80 -5.74 -6.76 10.53
C ARG B 80 -6.04 -5.75 9.42
N LYS B 81 -4.99 -5.18 8.87
CA LYS B 81 -5.13 -4.30 7.71
C LYS B 81 -5.74 -5.07 6.55
N GLY B 82 -5.14 -6.22 6.22
CA GLY B 82 -5.68 -7.12 5.20
C GLY B 82 -7.15 -7.45 5.43
N ALA B 83 -7.49 -7.77 6.68
CA ALA B 83 -8.84 -8.16 7.01
C ALA B 83 -9.88 -7.02 6.89
N VAL B 84 -9.47 -5.77 7.13
CA VAL B 84 -10.42 -4.64 6.92
C VAL B 84 -10.43 -4.25 5.45
N LEU B 85 -9.28 -4.32 4.77
CA LEU B 85 -9.26 -4.10 3.32
C LEU B 85 -10.22 -5.03 2.59
N LEU B 86 -10.35 -6.27 3.07
CA LEU B 86 -11.32 -7.22 2.53
C LEU B 86 -12.75 -6.74 2.80
N LYS B 87 -13.07 -6.39 4.06
CA LYS B 87 -14.43 -5.95 4.45
C LYS B 87 -14.87 -4.75 3.60
N ILE B 88 -13.96 -3.78 3.45
CA ILE B 88 -14.13 -2.62 2.56
C ILE B 88 -14.28 -2.98 1.06
N LYS B 89 -13.95 -4.20 0.68
CA LYS B 89 -14.01 -4.65 -0.71
C LYS B 89 -12.88 -4.07 -1.57
N GLN B 90 -11.80 -3.60 -0.96
CA GLN B 90 -10.57 -3.27 -1.69
C GLN B 90 -9.70 -4.52 -1.90
N TYR B 91 -10.14 -5.40 -2.80
CA TYR B 91 -9.56 -6.73 -2.92
C TYR B 91 -8.13 -6.70 -3.46
N LYS B 92 -7.89 -5.91 -4.51
CA LYS B 92 -6.55 -5.86 -5.17
C LYS B 92 -5.42 -5.50 -4.21
N LEU B 93 -5.74 -4.61 -3.28
CA LEU B 93 -4.80 -4.03 -2.36
C LEU B 93 -4.64 -4.89 -1.10
N ALA B 94 -5.68 -5.65 -0.77
CA ALA B 94 -5.63 -6.66 0.30
C ALA B 94 -4.78 -7.87 -0.05
N LEU B 95 -4.65 -8.17 -1.34
CA LEU B 95 -3.93 -9.38 -1.79
C LEU B 95 -2.45 -9.44 -1.38
N PRO B 96 -1.64 -8.42 -1.73
CA PRO B 96 -0.24 -8.42 -1.29
C PRO B 96 -0.04 -8.41 0.23
N VAL B 97 -0.98 -7.81 0.95
CA VAL B 97 -0.93 -7.72 2.41
C VAL B 97 -1.14 -9.10 3.00
N LEU B 98 -2.24 -9.74 2.63
CA LEU B 98 -2.58 -11.07 3.12
C LEU B 98 -1.58 -12.12 2.68
N GLU B 99 -1.01 -11.97 1.49
CA GLU B 99 -0.01 -12.93 0.96
C GLU B 99 1.30 -12.89 1.77
N ALA B 100 1.55 -11.74 2.39
CA ALA B 100 2.67 -11.52 3.30
C ALA B 100 2.42 -12.10 4.66
N VAL B 101 1.16 -12.07 5.11
CA VAL B 101 0.73 -12.71 6.37
C VAL B 101 0.92 -14.22 6.27
N VAL B 102 0.49 -14.81 5.17
CA VAL B 102 0.60 -16.24 4.96
C VAL B 102 2.06 -16.69 4.82
N ALA B 103 2.94 -15.81 4.33
CA ALA B 103 4.36 -16.12 4.27
C ALA B 103 5.04 -16.09 5.65
N ALA B 104 4.49 -15.30 6.56
CA ALA B 104 4.94 -15.24 7.96
C ALA B 104 4.39 -16.38 8.80
N ALA B 105 3.22 -16.88 8.41
CA ALA B 105 2.42 -17.76 9.26
C ALA B 105 1.79 -18.86 8.42
N PRO B 106 2.62 -19.69 7.80
CA PRO B 106 2.09 -20.55 6.73
C PRO B 106 1.18 -21.69 7.16
N ALA B 107 0.87 -21.80 8.45
CA ALA B 107 -0.10 -22.77 8.94
C ALA B 107 -1.33 -22.11 9.54
N ASP B 108 -1.46 -20.80 9.37
CA ASP B 108 -2.63 -20.06 9.85
C ASP B 108 -3.75 -20.28 8.85
N ALA B 109 -4.66 -21.19 9.15
CA ALA B 109 -5.77 -21.50 8.22
C ALA B 109 -6.58 -20.27 7.87
N ARG B 110 -6.84 -19.43 8.85
CA ARG B 110 -7.66 -18.26 8.62
C ARG B 110 -7.04 -17.25 7.65
N ALA B 111 -5.74 -17.02 7.76
CA ALA B 111 -5.03 -16.15 6.82
C ALA B 111 -5.31 -16.58 5.37
N TYR B 112 -5.16 -17.89 5.11
CA TYR B 112 -5.42 -18.45 3.79
C TYR B 112 -6.88 -18.31 3.35
N TYR B 113 -7.80 -18.37 4.30
CA TYR B 113 -9.23 -18.11 4.02
C TYR B 113 -9.48 -16.68 3.54
N LEU B 114 -9.00 -15.71 4.31
CA LEU B 114 -9.12 -14.30 3.91
C LEU B 114 -8.41 -14.06 2.60
N LEU B 115 -7.27 -14.69 2.40
CA LEU B 115 -6.59 -14.59 1.12
C LEU B 115 -7.47 -15.11 -0.01
N GLY B 116 -8.08 -16.27 0.16
CA GLY B 116 -8.99 -16.82 -0.85
C GLY B 116 -10.18 -15.93 -1.17
N LEU B 117 -10.74 -15.29 -0.16
CA LEU B 117 -11.86 -14.36 -0.33
C LEU B 117 -11.43 -13.11 -1.08
N ALA B 118 -10.21 -12.63 -0.82
CA ALA B 118 -9.62 -11.51 -1.57
C ALA B 118 -9.41 -11.87 -3.05
N TYR B 119 -8.80 -13.01 -3.34
CA TYR B 119 -8.62 -13.47 -4.72
C TYR B 119 -9.95 -13.66 -5.41
N ASP B 120 -10.91 -14.22 -4.71
CA ASP B 120 -12.23 -14.46 -5.27
C ASP B 120 -12.90 -13.16 -5.66
N GLY B 121 -12.82 -12.17 -4.77
CA GLY B 121 -13.33 -10.83 -5.03
C GLY B 121 -12.69 -10.11 -6.17
N ASP B 122 -11.41 -10.42 -6.44
CA ASP B 122 -10.63 -9.86 -7.58
C ASP B 122 -10.84 -10.66 -8.90
N GLU B 123 -11.80 -11.57 -8.92
CA GLU B 123 -12.08 -12.44 -10.05
C GLU B 123 -10.85 -13.23 -10.49
N GLN B 124 -10.10 -13.72 -9.51
CA GLN B 124 -9.06 -14.69 -9.70
C GLN B 124 -9.58 -15.96 -9.09
N LEU B 125 -10.61 -16.53 -9.73
CA LEU B 125 -11.31 -17.66 -9.17
C LEU B 125 -10.39 -18.84 -8.83
N GLU B 126 -9.43 -19.11 -9.71
CA GLU B 126 -8.58 -20.30 -9.56
C GLU B 126 -7.61 -20.16 -8.37
N LYS B 127 -7.05 -18.96 -8.21
CA LYS B 127 -6.18 -18.67 -7.05
C LYS B 127 -6.94 -18.59 -5.72
N GLY B 128 -8.19 -18.17 -5.78
CA GLY B 128 -9.09 -18.22 -4.64
C GLY B 128 -9.34 -19.62 -4.17
N ILE B 129 -9.50 -20.55 -5.12
CA ILE B 129 -9.72 -21.96 -4.79
C ILE B 129 -8.47 -22.57 -4.18
N GLU B 130 -7.31 -22.34 -4.81
CA GLU B 130 -6.00 -22.70 -4.25
C GLU B 130 -5.90 -22.38 -2.77
N ALA B 131 -6.22 -21.13 -2.42
CA ALA B 131 -6.02 -20.59 -1.07
C ALA B 131 -7.01 -21.14 -0.06
N MET B 132 -8.27 -21.19 -0.47
CA MET B 132 -9.33 -21.75 0.38
C MET B 132 -9.07 -23.24 0.63
N GLN B 133 -8.59 -23.94 -0.39
CA GLN B 133 -8.17 -25.33 -0.27
C GLN B 133 -7.08 -25.53 0.77
N LYS B 134 -6.13 -24.60 0.85
CA LYS B 134 -5.09 -24.64 1.88
C LYS B 134 -5.73 -24.48 3.26
N ALA B 135 -6.69 -23.56 3.39
CA ALA B 135 -7.39 -23.35 4.67
C ALA B 135 -8.18 -24.56 5.12
N VAL B 136 -8.80 -25.26 4.18
CA VAL B 136 -9.55 -26.48 4.48
C VAL B 136 -8.62 -27.58 4.95
N ASP B 137 -7.46 -27.71 4.31
CA ASP B 137 -6.45 -28.70 4.71
C ASP B 137 -5.86 -28.39 6.07
N LEU B 138 -5.68 -27.10 6.36
CA LEU B 138 -5.13 -26.65 7.64
C LEU B 138 -6.13 -26.70 8.80
N ASP B 139 -7.42 -26.83 8.52
CA ASP B 139 -8.47 -26.84 9.55
C ASP B 139 -9.75 -27.48 8.97
N PRO B 140 -9.77 -28.83 8.85
CA PRO B 140 -10.87 -29.46 8.10
C PRO B 140 -12.20 -29.55 8.86
N GLU B 141 -12.17 -29.23 10.16
CA GLU B 141 -13.40 -29.16 10.95
C GLU B 141 -14.21 -27.87 10.74
N GLU B 142 -13.56 -26.81 10.26
CA GLU B 142 -14.23 -25.51 10.10
C GLU B 142 -15.21 -25.51 8.94
N ILE B 143 -16.44 -25.08 9.22
CA ILE B 143 -17.54 -25.20 8.27
C ILE B 143 -17.45 -24.13 7.20
N LYS B 144 -17.17 -22.87 7.62
CA LYS B 144 -17.05 -21.75 6.69
C LYS B 144 -16.19 -22.04 5.46
N TYR B 145 -15.04 -22.70 5.67
CA TYR B 145 -14.08 -22.97 4.61
C TYR B 145 -14.61 -23.97 3.58
N HIS B 146 -15.37 -24.96 4.04
CA HIS B 146 -16.06 -25.89 3.14
C HIS B 146 -17.20 -25.20 2.38
N GLN B 147 -17.94 -24.31 3.05
CA GLN B 147 -19.01 -23.53 2.40
C GLN B 147 -18.47 -22.78 1.18
N HIS B 148 -17.46 -21.96 1.41
CA HIS B 148 -16.88 -21.12 0.35
C HIS B 148 -16.25 -21.92 -0.77
N LEU B 149 -15.49 -22.95 -0.43
CA LEU B 149 -14.87 -23.82 -1.44
C LEU B 149 -15.93 -24.48 -2.31
N GLY B 150 -17.06 -24.83 -1.70
CA GLY B 150 -18.21 -25.36 -2.42
C GLY B 150 -18.74 -24.40 -3.46
N PHE B 151 -18.97 -23.17 -3.03
CA PHE B 151 -19.49 -22.13 -3.95
C PHE B 151 -18.50 -21.72 -5.03
N MET B 152 -17.23 -21.59 -4.67
CA MET B 152 -16.17 -21.40 -5.65
C MET B 152 -16.20 -22.47 -6.74
N ASN B 153 -16.37 -23.73 -6.35
CA ASN B 153 -16.52 -24.84 -7.32
C ASN B 153 -17.78 -24.73 -8.16
N VAL B 154 -18.88 -24.25 -7.56
CA VAL B 154 -20.12 -23.97 -8.30
C VAL B 154 -19.81 -22.98 -9.41
N ARG B 155 -19.20 -21.85 -9.03
CA ARG B 155 -18.92 -20.73 -9.97
C ARG B 155 -18.07 -21.19 -11.18
N LYS B 156 -17.21 -22.19 -10.98
CA LYS B 156 -16.37 -22.79 -12.02
C LYS B 156 -17.04 -23.99 -12.74
N ASP B 157 -18.35 -24.20 -12.51
CA ASP B 157 -19.12 -25.39 -12.98
C ASP B 157 -18.41 -26.76 -12.85
N ASP B 158 -17.93 -27.03 -11.63
CA ASP B 158 -17.48 -28.35 -11.18
C ASP B 158 -18.41 -28.76 -10.03
N HIS B 159 -19.66 -29.05 -10.41
CA HIS B 159 -20.73 -29.40 -9.43
C HIS B 159 -20.49 -30.70 -8.67
N LYS B 160 -19.63 -31.60 -9.19
CA LYS B 160 -19.18 -32.79 -8.46
C LYS B 160 -18.44 -32.41 -7.16
N THR B 161 -17.36 -31.64 -7.32
CA THR B 161 -16.52 -31.24 -6.18
C THR B 161 -17.28 -30.28 -5.25
N ALA B 162 -18.20 -29.50 -5.82
CA ALA B 162 -19.06 -28.63 -5.03
C ALA B 162 -19.94 -29.48 -4.11
N ALA B 163 -20.56 -30.51 -4.69
CA ALA B 163 -21.42 -31.44 -3.94
C ALA B 163 -20.66 -32.03 -2.76
N GLU B 164 -19.48 -32.56 -3.04
CA GLU B 164 -18.57 -33.14 -2.03
C GLU B 164 -18.45 -32.24 -0.81
N HIS B 165 -18.12 -30.97 -1.08
CA HIS B 165 -17.87 -30.01 -0.02
C HIS B 165 -19.11 -29.69 0.77
N PHE B 166 -20.25 -29.49 0.08
CA PHE B 166 -21.51 -29.19 0.77
C PHE B 166 -22.02 -30.37 1.61
N THR B 167 -21.83 -31.60 1.13
CA THR B 167 -22.20 -32.78 1.92
C THR B 167 -21.42 -32.74 3.22
N LYS B 168 -20.12 -32.47 3.12
CA LYS B 168 -19.28 -32.27 4.29
C LYS B 168 -19.79 -31.12 5.19
N VAL B 169 -20.21 -30.01 4.59
CA VAL B 169 -20.78 -28.87 5.35
C VAL B 169 -21.89 -29.33 6.28
N MET B 170 -22.72 -30.23 5.80
CA MET B 170 -23.85 -30.69 6.60
C MET B 170 -23.46 -31.73 7.66
N GLU B 171 -22.59 -32.68 7.28
CA GLU B 171 -22.01 -33.61 8.25
C GLU B 171 -21.43 -32.87 9.45
N LEU B 172 -20.70 -31.80 9.18
CA LEU B 172 -20.23 -30.91 10.24
C LEU B 172 -21.36 -30.30 11.08
N GLU B 173 -22.46 -29.90 10.43
CA GLU B 173 -23.62 -29.27 11.10
C GLU B 173 -24.43 -30.22 11.98
N ARG B 174 -24.72 -31.44 11.47
CA ARG B 174 -25.29 -32.52 12.30
C ARG B 174 -24.41 -32.82 13.52
N SER B 175 -23.10 -32.85 13.27
CA SER B 175 -22.08 -33.02 14.31
C SER B 175 -21.91 -31.82 15.33
N GLN B 176 -22.93 -31.62 16.17
CA GLN B 176 -22.79 -30.91 17.47
C GLN B 176 -23.73 -31.44 18.58
N ALA C 2 -60.87 19.43 36.79
CA ALA C 2 -60.94 19.86 35.37
C ALA C 2 -60.45 18.81 34.35
N MET C 3 -59.85 17.71 34.81
CA MET C 3 -59.30 16.71 33.88
C MET C 3 -60.40 15.79 33.35
N GLY C 4 -60.54 15.73 32.02
CA GLY C 4 -61.58 14.92 31.39
C GLY C 4 -61.38 13.43 31.61
N ASP C 5 -62.45 12.65 31.48
CA ASP C 5 -62.32 11.18 31.44
C ASP C 5 -61.48 10.74 30.25
N LYS C 6 -61.62 11.46 29.14
CA LYS C 6 -60.92 11.13 27.90
C LYS C 6 -59.44 11.29 28.10
N ALA C 7 -59.06 12.43 28.66
CA ALA C 7 -57.68 12.71 29.01
C ALA C 7 -57.05 11.65 29.93
N LYS C 8 -57.82 11.15 30.91
CA LYS C 8 -57.33 10.14 31.85
C LYS C 8 -57.04 8.83 31.13
N LEU C 9 -57.97 8.41 30.29
CA LEU C 9 -57.83 7.22 29.45
C LEU C 9 -56.55 7.26 28.63
N PHE C 10 -56.33 8.37 27.94
CA PHE C 10 -55.19 8.50 27.04
C PHE C 10 -53.85 8.54 27.78
N ARG C 11 -53.82 9.22 28.93
CA ARG C 11 -52.64 9.19 29.81
C ARG C 11 -52.30 7.76 30.17
N ASN C 12 -53.31 7.05 30.67
CA ASN C 12 -53.18 5.67 31.10
C ASN C 12 -52.61 4.77 29.99
N ILE C 13 -53.12 4.89 28.77
CA ILE C 13 -52.62 4.10 27.63
C ILE C 13 -51.21 4.53 27.26
N SER C 14 -50.93 5.84 27.29
CA SER C 14 -49.57 6.36 27.00
C SER C 14 -48.49 5.74 27.89
N GLN C 15 -48.85 5.50 29.15
CA GLN C 15 -47.90 4.98 30.13
C GLN C 15 -47.59 3.50 29.91
N ARG C 16 -48.62 2.71 29.62
CA ARG C 16 -48.39 1.32 29.21
C ARG C 16 -47.54 1.21 27.96
N CYS C 17 -47.76 2.12 27.02
CA CYS C 17 -47.01 2.12 25.76
C CYS C 17 -45.54 2.49 26.00
N LEU C 18 -45.28 3.46 26.89
CA LEU C 18 -43.89 3.78 27.32
C LEU C 18 -43.25 2.67 28.18
N ARG C 19 -44.06 2.07 29.06
CA ARG C 19 -43.63 0.98 29.96
C ARG C 19 -43.39 -0.38 29.23
N ARG C 20 -44.00 -0.58 28.05
CA ARG C 20 -43.60 -1.66 27.12
C ARG C 20 -42.62 -1.13 26.04
N GLY C 21 -41.78 -0.14 26.41
CA GLY C 21 -40.76 0.47 25.53
C GLY C 21 -41.12 0.75 24.07
N SER C 22 -42.33 1.27 23.84
CA SER C 22 -42.92 1.46 22.48
C SER C 22 -43.35 2.94 22.29
N PRO C 23 -42.38 3.89 22.26
CA PRO C 23 -42.72 5.33 22.20
C PRO C 23 -43.38 5.80 20.89
N GLU C 24 -43.22 5.02 19.83
CA GLU C 24 -43.88 5.27 18.56
C GLU C 24 -45.40 5.32 18.77
N GLU C 25 -45.92 4.27 19.42
CA GLU C 25 -47.35 4.15 19.76
C GLU C 25 -47.75 5.18 20.80
N ALA C 26 -46.96 5.28 21.86
CA ALA C 26 -47.21 6.25 22.96
C ALA C 26 -47.48 7.65 22.43
N LEU C 27 -46.65 8.10 21.49
CA LEU C 27 -46.86 9.37 20.81
C LEU C 27 -48.28 9.58 20.30
N ARG C 28 -48.85 8.58 19.61
CA ARG C 28 -50.18 8.72 19.00
C ARG C 28 -51.23 9.08 20.05
N PHE C 29 -51.11 8.48 21.23
CA PHE C 29 -52.02 8.68 22.38
C PHE C 29 -51.73 9.92 23.21
N LEU C 30 -50.46 10.31 23.31
CA LEU C 30 -50.12 11.56 23.96
C LEU C 30 -50.69 12.74 23.17
N LYS C 31 -50.68 12.65 21.84
CA LYS C 31 -51.31 13.65 20.98
C LYS C 31 -52.83 13.76 21.21
N GLU C 32 -53.47 12.63 21.56
CA GLU C 32 -54.89 12.61 21.89
C GLU C 32 -55.19 13.26 23.23
N TRP C 33 -54.38 12.94 24.24
CA TRP C 33 -54.44 13.63 25.52
C TRP C 33 -54.34 15.14 25.27
N ALA C 34 -53.35 15.54 24.48
CA ALA C 34 -53.18 16.95 24.14
C ALA C 34 -54.42 17.53 23.46
N ARG C 35 -54.99 16.81 22.50
CA ARG C 35 -56.19 17.30 21.81
C ARG C 35 -57.26 17.72 22.81
N HIS C 36 -57.54 16.85 23.77
CA HIS C 36 -58.63 17.07 24.73
C HIS C 36 -58.28 18.09 25.84
N GLU C 37 -57.15 17.92 26.52
CA GLU C 37 -56.69 18.91 27.50
C GLU C 37 -55.64 19.81 26.84
N LYS C 38 -56.07 20.65 25.89
CA LYS C 38 -55.17 21.67 25.31
C LYS C 38 -54.83 22.72 26.36
N ASN C 39 -53.61 23.23 26.28
CA ASN C 39 -53.01 24.06 27.32
C ASN C 39 -52.55 23.34 28.60
N ASP C 40 -52.81 22.03 28.75
CA ASP C 40 -52.11 21.22 29.76
C ASP C 40 -50.72 21.00 29.19
N PRO C 41 -49.69 21.47 29.90
CA PRO C 41 -48.35 21.24 29.39
C PRO C 41 -47.88 19.79 29.49
N GLU C 42 -48.46 18.97 30.37
CA GLU C 42 -47.89 17.65 30.64
C GLU C 42 -47.85 16.69 29.45
N PRO C 43 -48.95 16.56 28.68
CA PRO C 43 -48.84 15.72 27.47
C PRO C 43 -47.76 16.17 26.48
N LEU C 44 -47.61 17.48 26.32
CA LEU C 44 -46.57 18.01 25.45
C LEU C 44 -45.18 17.67 25.97
N TYR C 45 -44.94 17.91 27.26
CA TYR C 45 -43.70 17.48 27.90
C TYR C 45 -43.39 15.99 27.64
N GLN C 46 -44.40 15.12 27.77
CA GLN C 46 -44.21 13.67 27.49
C GLN C 46 -43.93 13.37 26.02
N MET C 47 -44.62 14.03 25.11
CA MET C 47 -44.33 13.94 23.67
C MET C 47 -42.87 14.23 23.38
N GLY C 48 -42.39 15.33 23.97
CA GLY C 48 -40.97 15.70 23.92
C GLY C 48 -40.02 14.58 24.29
N ILE C 49 -40.32 13.90 25.41
CA ILE C 49 -39.49 12.81 25.88
C ILE C 49 -39.48 11.67 24.86
N ALA C 50 -40.66 11.32 24.36
CA ALA C 50 -40.80 10.22 23.40
C ALA C 50 -40.05 10.53 22.12
N LEU C 51 -40.29 11.72 21.58
CA LEU C 51 -39.59 12.18 20.40
C LEU C 51 -38.07 12.11 20.57
N ALA C 52 -37.55 12.48 21.73
CA ALA C 52 -36.11 12.39 21.98
C ALA C 52 -35.60 10.93 22.03
N ASN C 53 -36.38 10.00 22.59
CA ASN C 53 -35.99 8.57 22.58
C ASN C 53 -35.96 8.05 21.15
N LEU C 54 -36.98 8.40 20.37
CA LEU C 54 -37.05 8.00 18.95
C LEU C 54 -35.98 8.65 18.08
N GLY C 55 -35.32 9.69 18.60
CA GLY C 55 -34.20 10.32 17.94
C GLY C 55 -34.62 11.37 16.93
N ASP C 56 -35.88 11.82 17.00
CA ASP C 56 -36.36 12.97 16.22
C ASP C 56 -36.12 14.21 17.08
N TYR C 57 -34.84 14.56 17.24
CA TYR C 57 -34.39 15.58 18.18
C TYR C 57 -34.91 16.97 17.84
N GLN C 58 -34.93 17.29 16.55
CA GLN C 58 -35.33 18.63 16.11
C GLN C 58 -36.81 18.86 16.45
N ARG C 59 -37.63 17.83 16.21
CA ARG C 59 -39.05 17.83 16.60
C ARG C 59 -39.27 17.89 18.11
N ALA C 60 -38.39 17.23 18.87
CA ALA C 60 -38.44 17.25 20.33
C ALA C 60 -38.20 18.65 20.88
N VAL C 61 -37.23 19.37 20.33
CA VAL C 61 -37.00 20.76 20.74
C VAL C 61 -38.26 21.58 20.50
N THR C 62 -38.91 21.38 19.35
CA THR C 62 -40.08 22.17 18.98
C THR C 62 -41.24 21.99 19.96
N VAL C 63 -41.41 20.76 20.46
CA VAL C 63 -42.46 20.43 21.43
C VAL C 63 -42.10 20.96 22.81
N PHE C 64 -40.82 20.81 23.20
CA PHE C 64 -40.35 21.41 24.46
C PHE C 64 -40.52 22.93 24.44
N ASP C 65 -40.44 23.57 23.29
CA ASP C 65 -40.72 24.99 23.19
C ASP C 65 -42.20 25.29 23.43
N LYS C 66 -43.09 24.44 22.93
CA LYS C 66 -44.52 24.58 23.20
C LYS C 66 -44.80 24.52 24.70
N VAL C 67 -44.22 23.53 25.38
CA VAL C 67 -44.42 23.43 26.83
C VAL C 67 -43.82 24.64 27.56
N LEU C 68 -42.69 25.18 27.08
CA LEU C 68 -42.08 26.36 27.71
C LEU C 68 -42.84 27.65 27.42
N LYS C 69 -43.51 27.74 26.29
CA LYS C 69 -44.44 28.85 26.03
C LYS C 69 -45.58 28.86 27.06
N LEU C 70 -46.09 27.68 27.40
CA LEU C 70 -47.12 27.53 28.41
C LEU C 70 -46.63 27.72 29.85
N ARG C 71 -45.43 27.22 30.16
CA ARG C 71 -44.83 27.34 31.51
C ARG C 71 -43.37 27.78 31.38
N PRO C 72 -43.12 29.10 31.26
CA PRO C 72 -41.76 29.61 31.07
C PRO C 72 -40.68 29.05 31.98
N ASN C 73 -41.02 28.70 33.22
CA ASN C 73 -40.06 28.12 34.15
C ASN C 73 -40.09 26.60 34.26
N HIS C 74 -40.71 25.90 33.31
CA HIS C 74 -40.82 24.43 33.36
C HIS C 74 -39.39 23.94 33.35
N PHE C 75 -38.97 23.43 34.50
CA PHE C 75 -37.56 23.25 34.77
C PHE C 75 -37.09 22.00 34.05
N MET C 76 -37.83 20.90 34.20
CA MET C 76 -37.56 19.69 33.40
C MET C 76 -37.59 19.87 31.85
N ALA C 77 -38.43 20.79 31.37
CA ALA C 77 -38.60 20.98 29.96
C ALA C 77 -37.34 21.66 29.41
N SER C 78 -36.78 22.60 30.16
CA SER C 78 -35.51 23.24 29.83
C SER C 78 -34.38 22.23 29.90
N TYR C 79 -34.30 21.48 30.99
CA TYR C 79 -33.28 20.43 31.14
C TYR C 79 -33.18 19.54 29.88
N ARG C 80 -34.30 18.99 29.45
CA ARG C 80 -34.29 18.04 28.34
C ARG C 80 -34.04 18.69 26.99
N LYS C 81 -34.56 19.92 26.83
CA LYS C 81 -34.28 20.72 25.66
C LYS C 81 -32.78 20.97 25.54
N GLY C 82 -32.19 21.48 26.62
CA GLY C 82 -30.74 21.67 26.71
C GLY C 82 -29.96 20.42 26.35
N ALA C 83 -30.39 19.29 26.89
CA ALA C 83 -29.71 18.02 26.68
C ALA C 83 -29.78 17.52 25.23
N VAL C 84 -30.88 17.78 24.51
CA VAL C 84 -30.93 17.39 23.08
C VAL C 84 -30.22 18.43 22.24
N LEU C 85 -30.33 19.71 22.58
CA LEU C 85 -29.55 20.74 21.89
C LEU C 85 -28.05 20.44 21.91
N LEU C 86 -27.56 19.86 23.02
CA LEU C 86 -26.18 19.41 23.11
C LEU C 86 -25.91 18.24 22.16
N LYS C 87 -26.76 17.21 22.19
CA LYS C 87 -26.60 16.00 21.33
C LYS C 87 -26.54 16.41 19.85
N ILE C 88 -27.46 17.28 19.45
CA ILE C 88 -27.49 17.91 18.12
C ILE C 88 -26.26 18.77 17.78
N LYS C 89 -25.46 19.12 18.78
CA LYS C 89 -24.27 19.97 18.62
C LYS C 89 -24.61 21.45 18.37
N GLN C 90 -25.82 21.87 18.73
CA GLN C 90 -26.16 23.30 18.80
C GLN C 90 -25.74 23.91 20.12
N TYR C 91 -24.44 24.10 20.27
CA TYR C 91 -23.87 24.47 21.58
C TYR C 91 -24.27 25.88 22.01
N LYS C 92 -24.20 26.86 21.09
CA LYS C 92 -24.50 28.27 21.43
C LYS C 92 -25.89 28.49 22.02
N LEU C 93 -26.83 27.71 21.52
CA LEU C 93 -28.23 27.83 21.84
C LEU C 93 -28.58 26.99 23.09
N ALA C 94 -27.82 25.93 23.32
CA ALA C 94 -27.93 25.13 24.53
C ALA C 94 -27.40 25.84 25.78
N LEU C 95 -26.47 26.79 25.61
CA LEU C 95 -25.84 27.47 26.75
C LEU C 95 -26.80 28.24 27.66
N PRO C 96 -27.60 29.18 27.10
CA PRO C 96 -28.59 29.88 27.94
C PRO C 96 -29.64 29.00 28.59
N VAL C 97 -29.98 27.89 27.93
CA VAL C 97 -30.97 26.94 28.44
C VAL C 97 -30.41 26.22 29.66
N LEU C 98 -29.25 25.61 29.48
CA LEU C 98 -28.58 24.87 30.55
C LEU C 98 -28.18 25.76 31.71
N GLU C 99 -27.81 27.01 31.43
CA GLU C 99 -27.40 27.97 32.47
C GLU C 99 -28.60 28.36 33.39
N ALA C 100 -29.80 28.25 32.82
CA ALA C 100 -31.06 28.44 33.52
C ALA C 100 -31.44 27.25 34.36
N VAL C 101 -31.11 26.05 33.88
CA VAL C 101 -31.31 24.80 34.64
C VAL C 101 -30.45 24.81 35.90
N VAL C 102 -29.19 25.19 35.75
CA VAL C 102 -28.27 25.23 36.88
C VAL C 102 -28.65 26.32 37.90
N ALA C 103 -29.30 27.39 37.45
CA ALA C 103 -29.80 28.41 38.35
C ALA C 103 -31.02 27.94 39.16
N ALA C 104 -31.79 27.02 38.59
CA ALA C 104 -32.94 26.39 39.26
C ALA C 104 -32.51 25.29 40.22
N ALA C 105 -31.38 24.65 39.91
CA ALA C 105 -31.00 23.38 40.53
C ALA C 105 -29.51 23.39 40.80
N PRO C 106 -29.03 24.30 41.64
CA PRO C 106 -27.58 24.55 41.68
C PRO C 106 -26.73 23.46 42.31
N ALA C 107 -27.32 22.34 42.72
CA ALA C 107 -26.58 21.19 43.21
C ALA C 107 -26.73 19.97 42.32
N ASP C 108 -27.33 20.15 41.15
CA ASP C 108 -27.49 19.08 40.17
C ASP C 108 -26.17 18.95 39.44
N ALA C 109 -25.36 17.96 39.82
CA ALA C 109 -24.05 17.76 39.21
C ALA C 109 -24.15 17.57 37.71
N ARG C 110 -25.15 16.82 37.26
CA ARG C 110 -25.28 16.53 35.84
C ARG C 110 -25.57 17.77 34.99
N ALA C 111 -26.42 18.67 35.49
CA ALA C 111 -26.69 19.94 34.80
C ALA C 111 -25.38 20.66 34.48
N TYR C 112 -24.51 20.78 35.49
CA TYR C 112 -23.21 21.43 35.33
C TYR C 112 -22.30 20.70 34.35
N TYR C 113 -22.40 19.37 34.30
CA TYR C 113 -21.67 18.57 33.30
C TYR C 113 -22.10 18.90 31.88
N LEU C 114 -23.40 18.85 31.60
CA LEU C 114 -23.92 19.21 30.29
C LEU C 114 -23.58 20.66 29.95
N LEU C 115 -23.65 21.53 30.94
CA LEU C 115 -23.24 22.91 30.73
C LEU C 115 -21.78 22.99 30.30
N GLY C 116 -20.89 22.28 30.99
CA GLY C 116 -19.49 22.24 30.61
C GLY C 116 -19.21 21.73 29.21
N LEU C 117 -19.94 20.71 28.81
CA LEU C 117 -19.83 20.15 27.46
C LEU C 117 -20.31 21.14 26.39
N ALA C 118 -21.37 21.89 26.70
CA ALA C 118 -21.84 22.97 25.82
C ALA C 118 -20.80 24.09 25.66
N TYR C 119 -20.25 24.58 26.77
CA TYR C 119 -19.20 25.60 26.72
C TYR C 119 -17.98 25.10 25.97
N ASP C 120 -17.62 23.85 26.22
CA ASP C 120 -16.45 23.27 25.56
C ASP C 120 -16.66 23.22 24.06
N GLY C 121 -17.83 22.78 23.64
CA GLY C 121 -18.20 22.74 22.23
C GLY C 121 -18.24 24.10 21.55
N ASP C 122 -18.53 25.16 22.32
CA ASP C 122 -18.52 26.56 21.84
C ASP C 122 -17.11 27.23 21.90
N GLU C 123 -16.08 26.43 22.13
CA GLU C 123 -14.70 26.90 22.29
C GLU C 123 -14.56 27.99 23.35
N GLN C 124 -15.28 27.79 24.46
CA GLN C 124 -15.09 28.55 25.68
C GLN C 124 -14.46 27.58 26.65
N LEU C 125 -13.22 27.18 26.36
CA LEU C 125 -12.56 26.11 27.11
C LEU C 125 -12.55 26.41 28.62
N GLU C 126 -12.27 27.66 29.01
CA GLU C 126 -12.10 27.98 30.42
C GLU C 126 -13.40 27.93 31.20
N LYS C 127 -14.51 28.36 30.59
CA LYS C 127 -15.84 28.25 31.21
C LYS C 127 -16.35 26.81 31.26
N GLY C 128 -15.94 26.01 30.29
CA GLY C 128 -16.21 24.57 30.30
C GLY C 128 -15.54 23.88 31.46
N ILE C 129 -14.31 24.28 31.78
CA ILE C 129 -13.56 23.72 32.90
C ILE C 129 -14.20 24.12 34.22
N GLU C 130 -14.50 25.41 34.37
CA GLU C 130 -15.30 25.92 35.50
C GLU C 130 -16.48 25.04 35.84
N ALA C 131 -17.29 24.74 34.82
CA ALA C 131 -18.57 24.03 34.99
C ALA C 131 -18.39 22.57 35.31
N MET C 132 -17.48 21.91 34.58
CA MET C 132 -17.15 20.51 34.83
C MET C 132 -16.57 20.33 36.23
N GLN C 133 -15.75 21.28 36.64
CA GLN C 133 -15.20 21.33 38.00
C GLN C 133 -16.29 21.38 39.06
N LYS C 134 -17.35 22.14 38.81
CA LYS C 134 -18.50 22.18 39.71
C LYS C 134 -19.17 20.80 39.79
N ALA C 135 -19.31 20.13 38.64
CA ALA C 135 -19.90 18.79 38.59
C ALA C 135 -19.10 17.76 39.36
N VAL C 136 -17.77 17.86 39.27
CA VAL C 136 -16.87 16.96 39.98
C VAL C 136 -16.98 17.19 41.49
N ASP C 137 -17.06 18.44 41.91
CA ASP C 137 -17.23 18.77 43.33
C ASP C 137 -18.58 18.31 43.87
N LEU C 138 -19.61 18.41 43.02
CA LEU C 138 -20.96 18.00 43.41
C LEU C 138 -21.18 16.49 43.40
N ASP C 139 -20.28 15.73 42.77
CA ASP C 139 -20.40 14.27 42.67
C ASP C 139 -19.03 13.65 42.35
N PRO C 140 -18.15 13.56 43.37
CA PRO C 140 -16.75 13.19 43.08
C PRO C 140 -16.54 11.70 42.80
N GLU C 141 -17.55 10.89 43.04
CA GLU C 141 -17.51 9.47 42.70
C GLU C 141 -17.73 9.18 41.20
N GLU C 142 -18.37 10.10 40.48
CA GLU C 142 -18.70 9.87 39.07
C GLU C 142 -17.47 9.95 38.19
N ILE C 143 -17.30 8.93 37.36
CA ILE C 143 -16.07 8.76 36.57
C ILE C 143 -16.07 9.67 35.36
N LYS C 144 -17.21 9.73 34.66
CA LYS C 144 -17.37 10.60 33.47
C LYS C 144 -16.84 12.01 33.65
N TYR C 145 -17.15 12.62 34.80
CA TYR C 145 -16.80 14.02 35.08
C TYR C 145 -15.29 14.20 35.25
N HIS C 146 -14.62 13.22 35.86
CA HIS C 146 -13.16 13.24 35.92
C HIS C 146 -12.51 13.02 34.56
N GLN C 147 -13.10 12.13 33.74
CA GLN C 147 -12.61 11.89 32.37
C GLN C 147 -12.54 13.19 31.59
N HIS C 148 -13.69 13.88 31.49
CA HIS C 148 -13.80 15.11 30.72
C HIS C 148 -12.93 16.24 31.23
N LEU C 149 -12.91 16.44 32.55
CA LEU C 149 -12.07 17.46 33.16
C LEU C 149 -10.58 17.21 32.85
N GLY C 150 -10.21 15.93 32.82
CA GLY C 150 -8.86 15.53 32.44
C GLY C 150 -8.52 15.95 31.04
N PHE C 151 -9.40 15.64 30.09
CA PHE C 151 -9.17 15.99 28.69
C PHE C 151 -9.22 17.50 28.43
N MET C 152 -10.17 18.20 29.06
CA MET C 152 -10.18 19.67 29.04
C MET C 152 -8.83 20.26 29.48
N ASN C 153 -8.25 19.70 30.55
CA ASN C 153 -6.90 20.13 31.00
C ASN C 153 -5.80 19.78 29.99
N VAL C 154 -5.93 18.63 29.33
CA VAL C 154 -5.01 18.26 28.24
C VAL C 154 -5.05 19.34 27.16
N ARG C 155 -6.26 19.67 26.70
CA ARG C 155 -6.46 20.63 25.60
C ARG C 155 -5.85 22.03 25.90
N LYS C 156 -5.80 22.39 27.19
CA LYS C 156 -5.19 23.64 27.66
C LYS C 156 -3.67 23.48 28.02
N ASP C 157 -3.06 22.35 27.65
CA ASP C 157 -1.68 21.94 28.06
C ASP C 157 -1.29 22.22 29.54
N ASP C 158 -2.15 21.72 30.45
CA ASP C 158 -1.87 21.59 31.88
C ASP C 158 -1.91 20.08 32.19
N HIS C 159 -0.90 19.38 31.67
CA HIS C 159 -0.78 17.91 31.83
CA HIS C 159 -0.78 17.91 31.83
C HIS C 159 -0.62 17.42 33.28
N LYS C 160 -0.20 18.29 34.19
CA LYS C 160 -0.16 17.98 35.63
C LYS C 160 -1.57 17.72 36.17
N THR C 161 -2.46 18.71 36.01
CA THR C 161 -3.84 18.60 36.51
C THR C 161 -4.62 17.52 35.75
N ALA C 162 -4.27 17.33 34.48
CA ALA C 162 -4.86 16.27 33.67
C ALA C 162 -4.51 14.91 34.28
N ALA C 163 -3.22 14.73 34.59
CA ALA C 163 -2.72 13.49 35.21
C ALA C 163 -3.50 13.16 36.48
N GLU C 164 -3.59 14.17 37.36
CA GLU C 164 -4.34 14.06 38.62
C GLU C 164 -5.71 13.45 38.41
N HIS C 165 -6.44 14.01 37.46
CA HIS C 165 -7.81 13.59 37.20
C HIS C 165 -7.89 12.18 36.65
N PHE C 166 -7.01 11.85 35.70
CA PHE C 166 -7.00 10.49 35.12
C PHE C 166 -6.59 9.43 36.13
N THR C 167 -5.64 9.74 37.03
CA THR C 167 -5.27 8.81 38.09
C THR C 167 -6.49 8.49 38.92
N LYS C 168 -7.24 9.54 39.28
CA LYS C 168 -8.52 9.38 39.95
C LYS C 168 -9.52 8.54 39.13
N VAL C 169 -9.58 8.77 37.82
CA VAL C 169 -10.46 7.97 36.91
C VAL C 169 -10.23 6.48 37.12
N MET C 170 -8.98 6.09 37.26
CA MET C 170 -8.64 4.69 37.40
C MET C 170 -8.89 4.13 38.82
N GLU C 171 -8.53 4.92 39.84
CA GLU C 171 -8.86 4.59 41.22
C GLU C 171 -10.35 4.27 41.35
N LEU C 172 -11.18 5.10 40.74
CA LEU C 172 -12.62 4.82 40.65
C LEU C 172 -12.94 3.48 39.96
N GLU C 173 -12.22 3.17 38.87
CA GLU C 173 -12.43 1.94 38.10
C GLU C 173 -12.01 0.66 38.82
N ARG C 174 -10.82 0.66 39.42
CA ARG C 174 -10.39 -0.42 40.34
C ARG C 174 -11.41 -0.65 41.47
N SER C 175 -11.89 0.47 42.02
CA SER C 175 -12.93 0.48 43.05
C SER C 175 -14.36 -0.03 42.60
N GLN C 176 -14.42 -1.38 42.54
CA GLN C 176 -15.67 -2.16 42.83
C GLN C 176 -15.41 -3.53 43.49
N ALA D 2 72.52 8.12 -12.29
CA ALA D 2 72.17 6.89 -11.54
C ALA D 2 70.92 6.16 -12.07
N MET D 3 70.11 6.80 -12.94
CA MET D 3 68.88 6.16 -13.43
C MET D 3 69.19 5.20 -14.57
N GLY D 4 68.80 3.93 -14.41
CA GLY D 4 69.06 2.89 -15.42
C GLY D 4 68.36 3.13 -16.73
N ASP D 5 68.87 2.56 -17.82
CA ASP D 5 68.14 2.55 -19.09
C ASP D 5 66.81 1.81 -18.95
N LYS D 6 66.82 0.75 -18.13
CA LYS D 6 65.64 -0.09 -17.93
C LYS D 6 64.56 0.71 -17.26
N ALA D 7 64.94 1.40 -16.20
CA ALA D 7 64.05 2.31 -15.49
C ALA D 7 63.42 3.38 -16.38
N LYS D 8 64.20 3.93 -17.31
CA LYS D 8 63.72 4.98 -18.24
C LYS D 8 62.65 4.44 -19.17
N LEU D 9 62.94 3.25 -19.74
CA LEU D 9 61.99 2.53 -20.60
C LEU D 9 60.65 2.34 -19.93
N PHE D 10 60.69 1.82 -18.70
CA PHE D 10 59.46 1.48 -17.98
C PHE D 10 58.67 2.72 -17.59
N ARG D 11 59.34 3.78 -17.18
CA ARG D 11 58.69 5.08 -16.92
C ARG D 11 57.93 5.53 -18.16
N ASN D 12 58.65 5.54 -19.28
CA ASN D 12 58.12 5.96 -20.56
C ASN D 12 56.84 5.19 -20.95
N ILE D 13 56.87 3.86 -20.80
CA ILE D 13 55.70 3.03 -21.10
C ILE D 13 54.57 3.29 -20.11
N SER D 14 54.90 3.45 -18.83
CA SER D 14 53.90 3.77 -17.78
C SER D 14 53.07 5.01 -18.11
N GLN D 15 53.73 6.01 -18.69
CA GLN D 15 53.10 7.28 -18.98
C GLN D 15 52.13 7.20 -20.16
N ARG D 16 52.53 6.50 -21.22
CA ARG D 16 51.60 6.20 -22.31
C ARG D 16 50.39 5.43 -21.85
N CYS D 17 50.60 4.49 -20.93
CA CYS D 17 49.52 3.66 -20.43
C CYS D 17 48.56 4.49 -19.56
N LEU D 18 49.08 5.42 -18.75
CA LEU D 18 48.23 6.39 -18.00
C LEU D 18 47.56 7.42 -18.92
N ARG D 19 48.30 7.88 -19.93
CA ARG D 19 47.81 8.88 -20.91
C ARG D 19 46.77 8.31 -21.93
N ARG D 20 46.74 6.98 -22.12
CA ARG D 20 45.60 6.29 -22.79
C ARG D 20 44.62 5.72 -21.72
N GLY D 21 44.49 6.41 -20.58
CA GLY D 21 43.58 6.04 -19.48
C GLY D 21 43.45 4.56 -19.09
N SER D 22 44.58 3.84 -19.05
CA SER D 22 44.64 2.38 -18.83
C SER D 22 45.56 2.05 -17.62
N PRO D 23 45.15 2.45 -16.39
CA PRO D 23 46.02 2.27 -15.21
C PRO D 23 46.29 0.81 -14.77
N GLU D 24 45.42 -0.10 -15.21
CA GLU D 24 45.61 -1.52 -14.99
C GLU D 24 46.96 -1.97 -15.57
N GLU D 25 47.19 -1.61 -16.84
CA GLU D 25 48.45 -1.90 -17.55
C GLU D 25 49.60 -1.10 -16.97
N ALA D 26 49.38 0.20 -16.78
CA ALA D 26 50.40 1.10 -16.22
C ALA D 26 51.02 0.53 -14.93
N LEU D 27 50.18 0.02 -14.04
CA LEU D 27 50.64 -0.66 -12.84
C LEU D 27 51.72 -1.71 -13.09
N ARG D 28 51.50 -2.58 -14.08
CA ARG D 28 52.43 -3.70 -14.34
C ARG D 28 53.84 -3.18 -14.62
N PHE D 29 53.93 -2.06 -15.34
CA PHE D 29 55.19 -1.40 -15.72
C PHE D 29 55.78 -0.50 -14.65
N LEU D 30 54.94 0.12 -13.83
CA LEU D 30 55.44 0.88 -12.69
C LEU D 30 56.12 -0.06 -11.70
N LYS D 31 55.57 -1.26 -11.52
CA LYS D 31 56.21 -2.28 -10.69
C LYS D 31 57.59 -2.71 -11.21
N GLU D 32 57.77 -2.69 -12.53
CA GLU D 32 59.07 -2.97 -13.16
C GLU D 32 60.08 -1.86 -12.95
N TRP D 33 59.64 -0.62 -13.13
CA TRP D 33 60.46 0.54 -12.76
C TRP D 33 60.92 0.38 -11.31
N ALA D 34 59.99 0.08 -10.42
CA ALA D 34 60.32 -0.13 -9.01
C ALA D 34 61.34 -1.25 -8.82
N ARG D 35 61.15 -2.38 -9.50
CA ARG D 35 62.09 -3.49 -9.38
C ARG D 35 63.53 -3.02 -9.61
N HIS D 36 63.75 -2.26 -10.69
CA HIS D 36 65.09 -1.86 -11.08
C HIS D 36 65.65 -0.68 -10.22
N GLU D 37 64.89 0.41 -10.10
CA GLU D 37 65.29 1.50 -9.20
C GLU D 37 64.57 1.37 -7.86
N LYS D 38 64.92 0.34 -7.09
CA LYS D 38 64.39 0.22 -5.71
C LYS D 38 64.96 1.33 -4.83
N ASN D 39 64.14 1.77 -3.90
CA ASN D 39 64.39 2.99 -3.10
C ASN D 39 64.17 4.32 -3.83
N ASP D 40 63.89 4.32 -5.15
CA ASP D 40 63.35 5.52 -5.81
C ASP D 40 61.90 5.59 -5.38
N PRO D 41 61.50 6.68 -4.69
CA PRO D 41 60.12 6.77 -4.30
C PRO D 41 59.16 7.02 -5.46
N GLU D 42 59.61 7.57 -6.59
CA GLU D 42 58.69 8.02 -7.63
C GLU D 42 57.80 6.93 -8.26
N PRO D 43 58.37 5.77 -8.64
CA PRO D 43 57.48 4.70 -9.13
C PRO D 43 56.40 4.28 -8.11
N LEU D 44 56.77 4.22 -6.84
CA LEU D 44 55.80 3.88 -5.80
C LEU D 44 54.71 4.93 -5.70
N TYR D 45 55.10 6.20 -5.63
CA TYR D 45 54.13 7.30 -5.69
C TYR D 45 53.15 7.17 -6.87
N GLN D 46 53.66 6.83 -8.06
CA GLN D 46 52.80 6.63 -9.25
C GLN D 46 51.87 5.41 -9.13
N MET D 47 52.39 4.30 -8.60
CA MET D 47 51.58 3.11 -8.30
C MET D 47 50.38 3.49 -7.44
N GLY D 48 50.66 4.24 -6.37
CA GLY D 48 49.63 4.81 -5.50
C GLY D 48 48.51 5.52 -6.24
N ILE D 49 48.88 6.38 -7.18
CA ILE D 49 47.91 7.13 -7.97
C ILE D 49 47.05 6.20 -8.79
N ALA D 50 47.70 5.24 -9.46
CA ALA D 50 46.99 4.27 -10.31
C ALA D 50 46.02 3.44 -9.49
N LEU D 51 46.52 2.88 -8.40
CA LEU D 51 45.69 2.12 -7.49
C LEU D 51 44.45 2.90 -7.03
N ALA D 52 44.63 4.19 -6.73
CA ALA D 52 43.49 5.03 -6.34
C ALA D 52 42.48 5.26 -7.47
N ASN D 53 42.94 5.41 -8.72
CA ASN D 53 42.02 5.54 -9.88
C ASN D 53 41.24 4.24 -10.05
N LEU D 54 41.93 3.10 -9.95
CA LEU D 54 41.28 1.79 -10.06
C LEU D 54 40.33 1.47 -8.91
N GLY D 55 40.43 2.25 -7.83
CA GLY D 55 39.52 2.13 -6.70
C GLY D 55 39.93 1.06 -5.70
N ASP D 56 41.19 0.61 -5.77
CA ASP D 56 41.77 -0.27 -4.75
C ASP D 56 42.43 0.64 -3.71
N TYR D 57 41.58 1.33 -2.96
CA TYR D 57 41.99 2.40 -2.06
C TYR D 57 42.86 1.90 -0.92
N GLN D 58 42.53 0.73 -0.37
CA GLN D 58 43.25 0.21 0.78
C GLN D 58 44.69 -0.12 0.37
N ARG D 59 44.85 -0.71 -0.81
CA ARG D 59 46.17 -0.96 -1.41
C ARG D 59 46.95 0.31 -1.74
N ALA D 60 46.23 1.36 -2.17
CA ALA D 60 46.84 2.66 -2.45
C ALA D 60 47.43 3.29 -1.21
N VAL D 61 46.72 3.24 -0.08
CA VAL D 61 47.28 3.73 1.19
C VAL D 61 48.58 3.00 1.50
N THR D 62 48.58 1.67 1.32
CA THR D 62 49.75 0.85 1.66
C THR D 62 51.01 1.24 0.87
N VAL D 63 50.81 1.59 -0.40
CA VAL D 63 51.90 2.02 -1.29
C VAL D 63 52.35 3.43 -0.93
N PHE D 64 51.38 4.33 -0.68
CA PHE D 64 51.72 5.68 -0.20
C PHE D 64 52.49 5.63 1.11
N ASP D 65 52.25 4.63 1.95
CA ASP D 65 53.05 4.45 3.16
C ASP D 65 54.48 4.04 2.83
N LYS D 66 54.67 3.18 1.82
CA LYS D 66 56.02 2.84 1.37
C LYS D 66 56.78 4.07 0.92
N VAL D 67 56.15 4.91 0.10
CA VAL D 67 56.81 6.15 -0.35
C VAL D 67 57.11 7.07 0.83
N LEU D 68 56.23 7.13 1.82
CA LEU D 68 56.46 7.99 3.01
C LEU D 68 57.52 7.43 3.95
N LYS D 69 57.68 6.12 3.99
CA LYS D 69 58.82 5.50 4.71
C LYS D 69 60.16 5.95 4.08
N LEU D 70 60.20 6.02 2.76
CA LEU D 70 61.38 6.50 2.02
C LEU D 70 61.60 8.02 2.11
N ARG D 71 60.52 8.80 2.05
CA ARG D 71 60.57 10.27 2.15
C ARG D 71 59.51 10.78 3.11
N PRO D 72 59.82 10.80 4.41
CA PRO D 72 58.86 11.21 5.43
C PRO D 72 58.08 12.50 5.16
N ASN D 73 58.68 13.45 4.47
CA ASN D 73 57.98 14.70 4.12
C ASN D 73 57.37 14.76 2.72
N HIS D 74 57.24 13.61 2.04
CA HIS D 74 56.72 13.59 0.66
C HIS D 74 55.33 14.17 0.75
N PHE D 75 55.19 15.38 0.23
CA PHE D 75 54.05 16.21 0.56
C PHE D 75 52.86 15.73 -0.28
N MET D 76 53.06 15.54 -1.58
CA MET D 76 52.04 14.87 -2.41
C MET D 76 51.57 13.49 -1.98
N ALA D 77 52.45 12.72 -1.35
CA ALA D 77 52.14 11.36 -0.97
C ALA D 77 51.18 11.41 0.23
N SER D 78 51.41 12.36 1.14
CA SER D 78 50.49 12.60 2.27
C SER D 78 49.16 13.12 1.76
N TYR D 79 49.19 14.12 0.88
CA TYR D 79 47.96 14.67 0.29
C TYR D 79 47.04 13.57 -0.25
N ARG D 80 47.56 12.68 -1.08
CA ARG D 80 46.74 11.67 -1.73
C ARG D 80 46.31 10.56 -0.79
N LYS D 81 47.18 10.22 0.16
CA LYS D 81 46.85 9.28 1.21
C LYS D 81 45.67 9.82 2.02
N GLY D 82 45.79 11.05 2.50
CA GLY D 82 44.71 11.74 3.20
C GLY D 82 43.41 11.72 2.41
N ALA D 83 43.49 12.01 1.13
CA ALA D 83 42.32 12.09 0.27
C ALA D 83 41.61 10.73 0.05
N VAL D 84 42.37 9.62 0.03
CA VAL D 84 41.72 8.30 -0.08
C VAL D 84 41.25 7.84 1.30
N LEU D 85 42.01 8.13 2.35
CA LEU D 85 41.54 7.86 3.71
C LEU D 85 40.17 8.50 3.98
N LEU D 86 39.93 9.70 3.43
CA LEU D 86 38.64 10.34 3.51
C LEU D 86 37.58 9.57 2.73
N LYS D 87 37.86 9.22 1.48
CA LYS D 87 36.90 8.49 0.61
C LYS D 87 36.47 7.18 1.27
N ILE D 88 37.45 6.44 1.82
CA ILE D 88 37.23 5.23 2.62
C ILE D 88 36.44 5.47 3.93
N LYS D 89 36.30 6.73 4.35
CA LYS D 89 35.61 7.09 5.59
C LYS D 89 36.43 6.75 6.85
N GLN D 90 37.74 6.56 6.72
CA GLN D 90 38.63 6.53 7.88
C GLN D 90 39.03 7.94 8.33
N TYR D 91 38.09 8.62 8.95
CA TYR D 91 38.25 10.05 9.25
C TYR D 91 39.32 10.30 10.31
N LYS D 92 39.34 9.52 11.40
CA LYS D 92 40.29 9.75 12.50
C LYS D 92 41.76 9.71 12.08
N LEU D 93 42.01 8.84 11.12
CA LEU D 93 43.35 8.54 10.66
C LEU D 93 43.77 9.52 9.52
N ALA D 94 42.78 10.01 8.79
CA ALA D 94 43.00 11.04 7.79
C ALA D 94 43.32 12.42 8.39
N LEU D 95 42.87 12.68 9.62
CA LEU D 95 43.05 14.00 10.24
C LEU D 95 44.50 14.44 10.42
N PRO D 96 45.36 13.63 11.10
CA PRO D 96 46.77 14.00 11.22
C PRO D 96 47.52 14.12 9.90
N VAL D 97 47.11 13.34 8.90
CA VAL D 97 47.74 13.37 7.57
C VAL D 97 47.42 14.67 6.89
N LEU D 98 46.14 14.99 6.78
CA LEU D 98 45.68 16.22 6.13
C LEU D 98 46.15 17.47 6.88
N GLU D 99 46.24 17.41 8.20
CA GLU D 99 46.70 18.55 9.01
C GLU D 99 48.19 18.90 8.77
N ALA D 100 48.93 17.87 8.35
CA ALA D 100 50.32 17.97 7.93
C ALA D 100 50.47 18.55 6.54
N VAL D 101 49.52 18.23 5.66
CA VAL D 101 49.45 18.79 4.30
C VAL D 101 49.21 20.29 4.38
N VAL D 102 48.27 20.70 5.21
CA VAL D 102 47.92 22.11 5.36
C VAL D 102 49.07 22.90 6.02
N ALA D 103 49.88 22.25 6.84
CA ALA D 103 51.07 22.89 7.42
C ALA D 103 52.18 23.09 6.39
N ALA D 104 52.23 22.23 5.38
CA ALA D 104 53.17 22.34 4.26
C ALA D 104 52.72 23.36 3.22
N ALA D 105 51.40 23.54 3.11
CA ALA D 105 50.79 24.22 1.98
C ALA D 105 49.64 25.09 2.48
N PRO D 106 49.94 26.07 3.32
CA PRO D 106 48.86 26.72 4.05
C PRO D 106 47.93 27.63 3.24
N ALA D 107 48.11 27.71 1.92
CA ALA D 107 47.20 28.44 1.05
C ALA D 107 46.50 27.53 0.06
N ASP D 108 46.63 26.22 0.24
CA ASP D 108 45.97 25.23 -0.61
C ASP D 108 44.53 25.13 -0.12
N ALA D 109 43.61 25.79 -0.81
CA ALA D 109 42.20 25.77 -0.40
C ALA D 109 41.64 24.37 -0.30
N ARG D 110 41.99 23.52 -1.27
CA ARG D 110 41.46 22.17 -1.30
C ARG D 110 41.89 21.31 -0.11
N ALA D 111 43.16 21.43 0.30
CA ALA D 111 43.64 20.72 1.48
C ALA D 111 42.74 21.01 2.69
N TYR D 112 42.44 22.29 2.92
CA TYR D 112 41.57 22.71 4.01
C TYR D 112 40.15 22.19 3.86
N TYR D 113 39.66 22.06 2.63
CA TYR D 113 38.35 21.44 2.36
C TYR D 113 38.30 19.98 2.80
N LEU D 114 39.26 19.19 2.33
CA LEU D 114 39.37 17.78 2.73
C LEU D 114 39.54 17.66 4.24
N LEU D 115 40.33 18.56 4.81
CA LEU D 115 40.48 18.58 6.25
C LEU D 115 39.14 18.81 6.94
N GLY D 116 38.37 19.78 6.48
CA GLY D 116 37.04 20.04 7.04
C GLY D 116 36.08 18.87 6.95
N LEU D 117 36.11 18.16 5.83
CA LEU D 117 35.28 16.97 5.62
C LEU D 117 35.71 15.83 6.56
N ALA D 118 37.00 15.68 6.80
CA ALA D 118 37.52 14.72 7.78
C ALA D 118 37.06 15.05 9.21
N TYR D 119 37.21 16.30 9.64
CA TYR D 119 36.74 16.72 10.96
C TYR D 119 35.24 16.54 11.10
N ASP D 120 34.51 16.88 10.04
CA ASP D 120 33.06 16.75 10.06
C ASP D 120 32.64 15.31 10.24
N GLY D 121 33.29 14.42 9.50
CA GLY D 121 33.06 12.99 9.61
C GLY D 121 33.40 12.39 10.96
N ASP D 122 34.36 13.00 11.67
CA ASP D 122 34.75 12.61 13.04
C ASP D 122 33.88 13.26 14.15
N GLU D 123 32.78 13.90 13.76
CA GLU D 123 31.89 14.63 14.65
C GLU D 123 32.62 15.68 15.49
N GLN D 124 33.54 16.37 14.83
CA GLN D 124 34.15 17.59 15.35
C GLN D 124 33.59 18.70 14.51
N LEU D 125 32.29 18.95 14.66
CA LEU D 125 31.59 19.88 13.76
C LEU D 125 32.26 21.26 13.75
N GLU D 126 32.69 21.76 14.91
CA GLU D 126 33.22 23.12 15.00
C GLU D 126 34.56 23.29 14.32
N LYS D 127 35.43 22.27 14.43
CA LYS D 127 36.72 22.28 13.72
C LYS D 127 36.57 22.06 12.20
N GLY D 128 35.53 21.33 11.82
CA GLY D 128 35.16 21.19 10.42
C GLY D 128 34.75 22.51 9.80
N ILE D 129 34.01 23.33 10.56
CA ILE D 129 33.58 24.65 10.09
C ILE D 129 34.77 25.58 9.96
N GLU D 130 35.61 25.63 10.99
CA GLU D 130 36.91 26.32 10.95
C GLU D 130 37.65 26.11 9.64
N ALA D 131 37.82 24.84 9.28
CA ALA D 131 38.65 24.43 8.13
C ALA D 131 38.01 24.76 6.80
N MET D 132 36.72 24.47 6.69
CA MET D 132 35.97 24.79 5.47
C MET D 132 35.92 26.30 5.24
N GLN D 133 35.79 27.05 6.33
CA GLN D 133 35.86 28.51 6.30
C GLN D 133 37.19 29.02 5.74
N LYS D 134 38.29 28.35 6.09
CA LYS D 134 39.59 28.70 5.52
C LYS D 134 39.59 28.44 4.01
N ALA D 135 39.02 27.32 3.58
CA ALA D 135 38.93 26.99 2.15
C ALA D 135 38.11 27.98 1.36
N VAL D 136 37.03 28.47 1.95
CA VAL D 136 36.17 29.46 1.31
C VAL D 136 36.91 30.78 1.17
N ASP D 137 37.66 31.17 2.20
CA ASP D 137 38.45 32.40 2.15
C ASP D 137 39.59 32.30 1.14
N LEU D 138 40.18 31.11 1.02
CA LEU D 138 41.27 30.87 0.09
C LEU D 138 40.82 30.71 -1.38
N ASP D 139 39.53 30.50 -1.61
CA ASP D 139 39.00 30.30 -2.97
C ASP D 139 37.48 30.58 -2.96
N PRO D 140 37.08 31.87 -2.94
CA PRO D 140 35.66 32.18 -2.72
C PRO D 140 34.77 31.97 -3.93
N GLU D 141 35.36 31.72 -5.09
CA GLU D 141 34.61 31.39 -6.30
C GLU D 141 34.12 29.94 -6.35
N GLU D 142 34.76 29.04 -5.58
CA GLU D 142 34.41 27.62 -5.63
C GLU D 142 33.09 27.34 -4.94
N ILE D 143 32.21 26.63 -5.64
CA ILE D 143 30.83 26.44 -5.18
C ILE D 143 30.76 25.37 -4.10
N LYS D 144 31.45 24.26 -4.31
CA LYS D 144 31.50 23.14 -3.35
C LYS D 144 31.73 23.58 -1.90
N TYR D 145 32.67 24.51 -1.70
CA TYR D 145 33.06 24.95 -0.36
C TYR D 145 31.94 25.76 0.33
N HIS D 146 31.21 26.56 -0.44
CA HIS D 146 30.04 27.25 0.09
C HIS D 146 28.89 26.28 0.40
N GLN D 147 28.70 25.27 -0.46
CA GLN D 147 27.69 24.23 -0.22
C GLN D 147 27.88 23.59 1.14
N HIS D 148 29.08 23.03 1.37
CA HIS D 148 29.38 22.31 2.61
C HIS D 148 29.33 23.18 3.85
N LEU D 149 29.89 24.39 3.77
CA LEU D 149 29.85 25.35 4.88
C LEU D 149 28.40 25.68 5.25
N GLY D 150 27.55 25.77 4.24
CA GLY D 150 26.12 25.98 4.44
C GLY D 150 25.48 24.87 5.24
N PHE D 151 25.73 23.64 4.81
CA PHE D 151 25.18 22.47 5.49
C PHE D 151 25.74 22.25 6.90
N MET D 152 27.04 22.45 7.06
CA MET D 152 27.65 22.46 8.40
C MET D 152 26.95 23.44 9.33
N ASN D 153 26.63 24.64 8.84
CA ASN D 153 25.86 25.62 9.62
C ASN D 153 24.42 25.16 9.91
N VAL D 154 23.80 24.47 8.95
CA VAL D 154 22.48 23.87 9.16
C VAL D 154 22.56 22.90 10.34
N ARG D 155 23.52 21.98 10.29
CA ARG D 155 23.68 20.93 11.31
C ARG D 155 23.87 21.50 12.73
N LYS D 156 24.45 22.69 12.83
CA LYS D 156 24.64 23.41 14.10
C LYS D 156 23.45 24.37 14.44
N ASP D 157 22.34 24.27 13.71
CA ASP D 157 21.18 25.21 13.77
C ASP D 157 21.53 26.72 13.86
N ASP D 158 22.36 27.16 12.92
CA ASP D 158 22.61 28.57 12.61
C ASP D 158 22.14 28.80 11.18
N HIS D 159 20.81 28.75 11.00
CA HIS D 159 20.16 28.90 9.68
C HIS D 159 20.36 30.28 9.02
N LYS D 160 20.70 31.30 9.80
CA LYS D 160 21.10 32.61 9.24
C LYS D 160 22.36 32.49 8.36
N THR D 161 23.44 32.01 8.97
CA THR D 161 24.73 31.88 8.26
C THR D 161 24.66 30.82 7.14
N ALA D 162 23.81 29.81 7.36
CA ALA D 162 23.55 28.80 6.33
C ALA D 162 22.93 29.46 5.11
N ALA D 163 21.90 30.28 5.34
CA ALA D 163 21.20 31.02 4.27
C ALA D 163 22.18 31.84 3.46
N GLU D 164 23.00 32.62 4.16
CA GLU D 164 24.06 33.45 3.54
C GLU D 164 24.86 32.66 2.52
N HIS D 165 25.34 31.51 2.94
CA HIS D 165 26.21 30.69 2.11
C HIS D 165 25.48 30.11 0.92
N PHE D 166 24.26 29.63 1.12
CA PHE D 166 23.47 29.06 0.01
C PHE D 166 23.06 30.12 -1.01
N THR D 167 22.74 31.34 -0.55
CA THR D 167 22.44 32.44 -1.48
C THR D 167 23.64 32.66 -2.38
N LYS D 168 24.83 32.69 -1.77
CA LYS D 168 26.08 32.75 -2.51
C LYS D 168 26.24 31.56 -3.48
N VAL D 169 25.90 30.35 -3.04
CA VAL D 169 25.95 29.14 -3.90
C VAL D 169 25.20 29.37 -5.21
N MET D 170 24.06 30.03 -5.13
CA MET D 170 23.24 30.26 -6.30
C MET D 170 23.75 31.42 -7.19
N GLU D 171 24.18 32.51 -6.56
CA GLU D 171 24.85 33.61 -7.27
C GLU D 171 26.00 33.07 -8.13
N LEU D 172 26.79 32.18 -7.54
CA LEU D 172 27.83 31.47 -8.31
C LEU D 172 27.26 30.66 -9.49
N GLU D 173 26.13 29.99 -9.29
CA GLU D 173 25.49 29.15 -10.32
C GLU D 173 24.87 29.94 -11.48
N ARG D 174 24.14 31.02 -11.17
CA ARG D 174 23.69 32.00 -12.20
C ARG D 174 24.87 32.55 -13.00
N SER D 175 25.94 32.85 -12.29
CA SER D 175 27.22 33.32 -12.86
C SER D 175 28.02 32.21 -13.68
N GLN D 176 27.40 31.60 -14.66
CA GLN D 176 27.85 30.27 -15.22
C GLN D 176 27.29 29.99 -16.62
N ASP D 177 28.17 29.74 -17.60
CA ASP D 177 27.81 29.57 -19.04
C ASP D 177 28.42 28.33 -19.72
N ALA E 2 13.63 -25.32 -46.31
CA ALA E 2 13.23 -25.86 -44.98
C ALA E 2 13.01 -24.77 -43.91
N MET E 3 13.43 -23.53 -44.16
CA MET E 3 13.34 -22.48 -43.13
C MET E 3 11.93 -21.89 -43.10
N GLY E 4 11.29 -21.93 -41.93
CA GLY E 4 9.93 -21.40 -41.77
C GLY E 4 9.86 -19.90 -41.97
N ASP E 5 8.66 -19.39 -42.32
CA ASP E 5 8.44 -17.95 -42.33
C ASP E 5 8.64 -17.36 -40.93
N LYS E 6 8.25 -18.12 -39.91
CA LYS E 6 8.32 -17.68 -38.53
C LYS E 6 9.77 -17.48 -38.13
N ALA E 7 10.58 -18.47 -38.45
CA ALA E 7 12.01 -18.43 -38.22
C ALA E 7 12.68 -17.22 -38.89
N LYS E 8 12.26 -16.87 -40.11
CA LYS E 8 12.82 -15.74 -40.86
C LYS E 8 12.53 -14.43 -40.17
N LEU E 9 11.26 -14.26 -39.76
CA LEU E 9 10.80 -13.10 -39.00
C LEU E 9 11.63 -12.87 -37.76
N PHE E 10 11.82 -13.94 -36.98
CA PHE E 10 12.52 -13.82 -35.70
C PHE E 10 14.01 -13.52 -35.88
N ARG E 11 14.64 -14.14 -36.88
CA ARG E 11 16.03 -13.80 -37.24
C ARG E 11 16.15 -12.31 -37.53
N ASN E 12 15.27 -11.85 -38.41
CA ASN E 12 15.23 -10.47 -38.85
C ASN E 12 15.11 -9.48 -37.65
N ILE E 13 14.21 -9.77 -36.72
CA ILE E 13 14.03 -8.93 -35.53
C ILE E 13 15.24 -9.03 -34.61
N SER E 14 15.81 -10.23 -34.45
CA SER E 14 17.05 -10.42 -33.65
C SER E 14 18.20 -9.53 -34.08
N GLN E 15 18.32 -9.33 -35.39
CA GLN E 15 19.41 -8.56 -35.97
C GLN E 15 19.26 -7.06 -35.73
N ARG E 16 18.04 -6.55 -35.90
CA ARG E 16 17.75 -5.16 -35.52
C ARG E 16 18.02 -4.90 -34.04
N CYS E 17 17.68 -5.88 -33.21
CA CYS E 17 17.86 -5.75 -31.77
C CYS E 17 19.35 -5.76 -31.41
N LEU E 18 20.16 -6.59 -32.07
CA LEU E 18 21.64 -6.56 -31.91
C LEU E 18 22.27 -5.31 -32.52
N ARG E 19 21.75 -4.88 -33.68
CA ARG E 19 22.23 -3.67 -34.40
C ARG E 19 21.84 -2.33 -33.71
N ARG E 20 20.80 -2.33 -32.86
CA ARG E 20 20.54 -1.22 -31.91
C ARG E 20 21.14 -1.56 -30.52
N GLY E 21 22.25 -2.30 -30.50
CA GLY E 21 22.98 -2.69 -29.26
C GLY E 21 22.17 -3.12 -28.03
N SER E 22 21.12 -3.91 -28.25
CA SER E 22 20.12 -4.31 -27.21
C SER E 22 20.02 -5.86 -27.13
N PRO E 23 21.10 -6.55 -26.68
CA PRO E 23 21.11 -8.02 -26.67
C PRO E 23 20.12 -8.69 -25.69
N GLU E 24 19.67 -7.93 -24.68
CA GLU E 24 18.65 -8.39 -23.76
C GLU E 24 17.38 -8.76 -24.52
N GLU E 25 16.93 -7.85 -25.38
CA GLU E 25 15.75 -8.05 -26.24
C GLU E 25 16.03 -9.10 -27.30
N ALA E 26 17.18 -8.98 -27.97
CA ALA E 26 17.58 -9.93 -29.03
C ALA E 26 17.47 -11.38 -28.57
N LEU E 27 17.96 -11.66 -27.35
CA LEU E 27 17.79 -12.97 -26.74
C LEU E 27 16.38 -13.52 -26.81
N ARG E 28 15.39 -12.71 -26.44
CA ARG E 28 13.99 -13.17 -26.38
C ARG E 28 13.53 -13.73 -27.73
N PHE E 29 13.96 -13.07 -28.80
CA PHE E 29 13.62 -13.44 -30.20
C PHE E 29 14.50 -14.55 -30.77
N LEU E 30 15.76 -14.62 -30.38
CA LEU E 30 16.60 -15.73 -30.77
C LEU E 30 16.06 -17.04 -30.20
N LYS E 31 15.55 -17.00 -28.97
CA LYS E 31 14.87 -18.16 -28.36
C LYS E 31 13.64 -18.62 -29.15
N GLU E 32 12.94 -17.66 -29.77
CA GLU E 32 11.78 -17.96 -30.63
C GLU E 32 12.19 -18.61 -31.94
N TRP E 33 13.22 -18.06 -32.58
CA TRP E 33 13.81 -18.70 -33.74
C TRP E 33 14.17 -20.15 -33.39
N ALA E 34 14.84 -20.35 -32.26
CA ALA E 34 15.19 -21.69 -31.81
C ALA E 34 13.96 -22.57 -31.61
N ARG E 35 12.91 -22.05 -30.99
CA ARG E 35 11.69 -22.84 -30.79
C ARG E 35 11.21 -23.44 -32.10
N HIS E 36 11.14 -22.63 -33.14
CA HIS E 36 10.58 -23.07 -34.42
C HIS E 36 11.56 -23.94 -35.26
N GLU E 37 12.79 -23.47 -35.48
CA GLU E 37 13.80 -24.29 -36.15
C GLU E 37 14.70 -24.94 -35.10
N LYS E 38 14.15 -25.89 -34.34
CA LYS E 38 14.98 -26.68 -33.41
C LYS E 38 15.92 -27.59 -34.18
N ASN E 39 17.10 -27.78 -33.61
CA ASN E 39 18.23 -28.42 -34.30
C ASN E 39 18.96 -27.56 -35.34
N ASP E 40 18.48 -26.36 -35.66
CA ASP E 40 19.30 -25.35 -36.38
C ASP E 40 20.28 -24.83 -35.33
N PRO E 41 21.60 -25.01 -35.55
CA PRO E 41 22.53 -24.50 -34.59
C PRO E 41 22.65 -22.98 -34.58
N GLU E 42 22.27 -22.29 -35.66
CA GLU E 42 22.57 -20.85 -35.75
C GLU E 42 21.93 -19.96 -34.69
N PRO E 43 20.63 -20.12 -34.40
CA PRO E 43 20.05 -19.33 -33.30
C PRO E 43 20.76 -19.56 -31.96
N LEU E 44 21.13 -20.80 -31.67
CA LEU E 44 21.86 -21.10 -30.44
C LEU E 44 23.23 -20.42 -30.43
N TYR E 45 23.98 -20.54 -31.50
CA TYR E 45 25.23 -19.81 -31.65
C TYR E 45 25.07 -18.30 -31.37
N GLN E 46 24.01 -17.68 -31.91
CA GLN E 46 23.73 -16.25 -31.67
C GLN E 46 23.36 -15.94 -30.21
N MET E 47 22.53 -16.80 -29.61
CA MET E 47 22.22 -16.69 -28.16
C MET E 47 23.48 -16.64 -27.33
N GLY E 48 24.40 -17.57 -27.64
CA GLY E 48 25.74 -17.61 -27.03
C GLY E 48 26.46 -16.28 -27.07
N ILE E 49 26.47 -15.64 -28.24
CA ILE E 49 27.13 -14.35 -28.43
C ILE E 49 26.48 -13.31 -27.55
N ALA E 50 25.16 -13.26 -27.55
CA ALA E 50 24.40 -12.26 -26.77
C ALA E 50 24.67 -12.45 -25.28
N LEU E 51 24.52 -13.68 -24.82
CA LEU E 51 24.82 -14.01 -23.43
C LEU E 51 26.22 -13.56 -23.02
N ALA E 52 27.21 -13.75 -23.89
CA ALA E 52 28.57 -13.31 -23.58
C ALA E 52 28.71 -11.76 -23.51
N ASN E 53 28.00 -11.03 -24.37
CA ASN E 53 28.00 -9.55 -24.29
C ASN E 53 27.37 -9.09 -22.99
N LEU E 54 26.24 -9.72 -22.64
CA LEU E 54 25.55 -9.40 -21.37
C LEU E 54 26.34 -9.80 -20.13
N GLY E 55 27.36 -10.63 -20.31
CA GLY E 55 28.26 -11.01 -19.23
C GLY E 55 27.76 -12.17 -18.41
N ASP E 56 26.77 -12.91 -18.93
CA ASP E 56 26.31 -14.17 -18.32
C ASP E 56 27.15 -15.28 -18.95
N TYR E 57 28.42 -15.30 -18.59
CA TYR E 57 29.43 -16.15 -19.24
C TYR E 57 29.17 -17.64 -19.05
N GLN E 58 28.73 -18.01 -17.84
CA GLN E 58 28.54 -19.42 -17.53
C GLN E 58 27.39 -19.98 -18.37
N ARG E 59 26.32 -19.18 -18.51
CA ARG E 59 25.19 -19.50 -19.41
C ARG E 59 25.58 -19.56 -20.89
N ALA E 60 26.50 -18.68 -21.29
CA ALA E 60 27.01 -18.65 -22.66
C ALA E 60 27.76 -19.92 -23.01
N VAL E 61 28.60 -20.41 -22.09
CA VAL E 61 29.29 -21.70 -22.31
C VAL E 61 28.25 -22.81 -22.52
N THR E 62 27.20 -22.82 -21.70
CA THR E 62 26.18 -23.88 -21.77
C THR E 62 25.47 -23.93 -23.12
N VAL E 63 25.22 -22.76 -23.72
CA VAL E 63 24.58 -22.64 -25.03
C VAL E 63 25.56 -23.02 -26.13
N PHE E 64 26.80 -22.56 -26.03
CA PHE E 64 27.85 -22.98 -26.98
C PHE E 64 28.05 -24.49 -26.95
N ASP E 65 27.83 -25.13 -25.80
CA ASP E 65 27.87 -26.59 -25.75
C ASP E 65 26.71 -27.22 -26.50
N LYS E 66 25.52 -26.62 -26.42
CA LYS E 66 24.38 -27.09 -27.22
C LYS E 66 24.69 -27.04 -28.70
N VAL E 67 25.23 -25.91 -29.17
CA VAL E 67 25.58 -25.80 -30.59
C VAL E 67 26.67 -26.80 -30.97
N LEU E 68 27.63 -27.08 -30.07
CA LEU E 68 28.69 -28.06 -30.35
C LEU E 68 28.21 -29.50 -30.32
N LYS E 69 27.19 -29.79 -29.52
CA LYS E 69 26.53 -31.11 -29.58
C LYS E 69 25.89 -31.33 -30.95
N LEU E 70 25.30 -30.29 -31.53
CA LEU E 70 24.72 -30.34 -32.87
C LEU E 70 25.76 -30.37 -33.99
N ARG E 71 26.83 -29.58 -33.86
CA ARG E 71 27.92 -29.51 -34.84
C ARG E 71 29.27 -29.59 -34.16
N PRO E 72 29.76 -30.82 -33.89
CA PRO E 72 31.01 -31.01 -33.17
C PRO E 72 32.20 -30.18 -33.64
N ASN E 73 32.28 -29.87 -34.94
CA ASN E 73 33.37 -29.04 -35.45
C ASN E 73 33.03 -27.57 -35.65
N HIS E 74 31.95 -27.08 -35.03
CA HIS E 74 31.53 -25.67 -35.21
C HIS E 74 32.69 -24.85 -34.68
N PHE E 75 33.38 -24.21 -35.61
CA PHE E 75 34.71 -23.69 -35.33
C PHE E 75 34.54 -22.38 -34.55
N MET E 76 33.69 -21.48 -35.05
CA MET E 76 33.32 -20.30 -34.25
C MET E 76 32.76 -20.53 -32.84
N ALA E 77 32.05 -21.64 -32.65
CA ALA E 77 31.41 -21.93 -31.40
C ALA E 77 32.48 -22.31 -30.37
N SER E 78 33.49 -23.06 -30.83
CA SER E 78 34.66 -23.38 -29.99
C SER E 78 35.45 -22.14 -29.68
N TYR E 79 35.76 -21.34 -30.71
CA TYR E 79 36.48 -20.06 -30.52
C TYR E 79 35.88 -19.24 -29.37
N ARG E 80 34.58 -18.99 -29.42
CA ARG E 80 33.94 -18.10 -28.44
C ARG E 80 33.80 -18.74 -27.06
N LYS E 81 33.58 -20.04 -27.05
CA LYS E 81 33.56 -20.82 -25.81
C LYS E 81 34.92 -20.70 -25.14
N GLY E 82 35.97 -21.01 -25.87
CA GLY E 82 37.35 -20.85 -25.39
C GLY E 82 37.62 -19.46 -24.83
N ALA E 83 37.17 -18.45 -25.56
CA ALA E 83 37.40 -17.07 -25.17
C ALA E 83 36.66 -16.65 -23.89
N VAL E 84 35.47 -17.20 -23.62
CA VAL E 84 34.78 -16.90 -22.35
C VAL E 84 35.34 -17.77 -21.24
N LEU E 85 35.68 -19.03 -21.54
CA LEU E 85 36.35 -19.87 -20.55
C LEU E 85 37.64 -19.21 -20.02
N LEU E 86 38.35 -18.49 -20.88
CA LEU E 86 39.52 -17.72 -20.46
C LEU E 86 39.12 -16.57 -19.55
N LYS E 87 38.11 -15.77 -19.95
CA LYS E 87 37.64 -14.61 -19.15
C LYS E 87 37.23 -15.04 -17.75
N ILE E 88 36.47 -16.14 -17.67
CA ILE E 88 36.09 -16.82 -16.43
C ILE E 88 37.27 -17.36 -15.61
N LYS E 89 38.45 -17.46 -16.21
CA LYS E 89 39.66 -18.02 -15.57
C LYS E 89 39.61 -19.54 -15.39
N GLN E 90 38.76 -20.22 -16.17
CA GLN E 90 38.79 -21.69 -16.26
C GLN E 90 39.83 -22.12 -17.31
N TYR E 91 41.11 -22.00 -16.95
CA TYR E 91 42.19 -22.16 -17.91
C TYR E 91 42.34 -23.60 -18.40
N LYS E 92 42.29 -24.57 -17.48
CA LYS E 92 42.49 -25.99 -17.85
C LYS E 92 41.53 -26.50 -18.91
N LEU E 93 40.32 -26.00 -18.84
CA LEU E 93 39.21 -26.43 -19.67
C LEU E 93 39.18 -25.66 -21.00
N ALA E 94 39.69 -24.43 -20.97
CA ALA E 94 39.86 -23.61 -22.17
C ALA E 94 40.97 -24.13 -23.09
N LEU E 95 41.97 -24.83 -22.53
CA LEU E 95 43.13 -25.27 -23.31
C LEU E 95 42.81 -26.22 -24.48
N PRO E 96 42.12 -27.36 -24.23
CA PRO E 96 41.74 -28.24 -25.34
C PRO E 96 40.83 -27.59 -26.39
N VAL E 97 40.00 -26.64 -25.96
CA VAL E 97 39.08 -25.94 -26.85
C VAL E 97 39.85 -25.04 -27.79
N LEU E 98 40.69 -24.18 -27.22
CA LEU E 98 41.51 -23.24 -27.99
C LEU E 98 42.51 -23.96 -28.87
N GLU E 99 43.05 -25.08 -28.40
CA GLU E 99 44.04 -25.87 -29.17
C GLU E 99 43.43 -26.50 -30.45
N ALA E 100 42.11 -26.71 -30.38
CA ALA E 100 41.29 -27.19 -31.49
C ALA E 100 40.98 -26.08 -32.48
N VAL E 101 40.80 -24.86 -31.97
CA VAL E 101 40.61 -23.68 -32.83
C VAL E 101 41.85 -23.39 -33.65
N VAL E 102 43.01 -23.47 -33.01
CA VAL E 102 44.29 -23.22 -33.70
C VAL E 102 44.59 -24.33 -34.73
N ALA E 103 44.09 -25.54 -34.50
CA ALA E 103 44.24 -26.62 -35.49
C ALA E 103 43.35 -26.43 -36.72
N ALA E 104 42.22 -25.75 -36.53
CA ALA E 104 41.30 -25.38 -37.61
C ALA E 104 41.78 -24.16 -38.39
N ALA E 105 42.51 -23.29 -37.71
CA ALA E 105 42.80 -21.93 -38.19
C ALA E 105 44.23 -21.56 -37.86
N PRO E 106 45.20 -22.30 -38.40
CA PRO E 106 46.55 -22.18 -37.89
C PRO E 106 47.30 -20.88 -38.20
N ALA E 107 46.65 -19.93 -38.86
CA ALA E 107 47.22 -18.61 -39.09
C ALA E 107 46.45 -17.52 -38.39
N ASP E 108 45.52 -17.89 -37.52
CA ASP E 108 44.74 -16.93 -36.73
C ASP E 108 45.60 -16.51 -35.56
N ALA E 109 46.22 -15.33 -35.66
CA ALA E 109 47.12 -14.85 -34.61
C ALA E 109 46.41 -14.77 -33.27
N ARG E 110 45.17 -14.30 -33.26
CA ARG E 110 44.44 -14.13 -32.02
C ARG E 110 44.16 -15.43 -31.29
N ALA E 111 43.81 -16.48 -32.03
CA ALA E 111 43.62 -17.80 -31.43
C ALA E 111 44.84 -18.21 -30.60
N TYR E 112 46.03 -18.07 -31.20
CA TYR E 112 47.28 -18.38 -30.53
C TYR E 112 47.54 -17.50 -29.32
N TYR E 113 47.11 -16.25 -29.36
CA TYR E 113 47.19 -15.34 -28.20
C TYR E 113 46.35 -15.84 -27.02
N LEU E 114 45.08 -16.11 -27.28
CA LEU E 114 44.20 -16.66 -26.25
C LEU E 114 44.72 -17.99 -25.74
N LEU E 115 45.25 -18.81 -26.63
CA LEU E 115 45.87 -20.05 -26.22
C LEU E 115 47.03 -19.80 -25.27
N GLY E 116 47.91 -18.86 -25.60
CA GLY E 116 49.02 -18.52 -24.72
C GLY E 116 48.62 -18.02 -23.34
N LEU E 117 47.55 -17.22 -23.29
CA LEU E 117 47.01 -16.72 -22.04
C LEU E 117 46.41 -17.85 -21.19
N ALA E 118 45.76 -18.81 -21.84
CA ALA E 118 45.26 -20.02 -21.16
C ALA E 118 46.40 -20.86 -20.57
N TYR E 119 47.44 -21.15 -21.36
CA TYR E 119 48.59 -21.89 -20.86
C TYR E 119 49.28 -21.15 -19.73
N ASP E 120 49.40 -19.84 -19.87
CA ASP E 120 50.05 -19.03 -18.85
C ASP E 120 49.29 -19.10 -17.53
N GLY E 121 47.97 -18.98 -17.62
CA GLY E 121 47.10 -19.10 -16.47
C GLY E 121 47.14 -20.47 -15.79
N ASP E 122 47.42 -21.52 -16.56
CA ASP E 122 47.59 -22.90 -16.03
C ASP E 122 49.02 -23.21 -15.53
N GLU E 123 49.85 -22.17 -15.40
CA GLU E 123 51.25 -22.29 -15.01
C GLU E 123 52.04 -23.26 -15.88
N GLN E 124 51.78 -23.19 -17.18
CA GLN E 124 52.58 -23.83 -18.21
C GLN E 124 53.27 -22.69 -18.92
N LEU E 125 54.19 -22.03 -18.20
CA LEU E 125 54.80 -20.80 -18.70
C LEU E 125 55.46 -21.00 -20.06
N GLU E 126 56.15 -22.14 -20.26
CA GLU E 126 56.91 -22.35 -21.48
C GLU E 126 56.03 -22.56 -22.70
N LYS E 127 54.92 -23.28 -22.54
CA LYS E 127 53.94 -23.45 -23.62
C LYS E 127 53.15 -22.17 -23.93
N GLY E 128 52.96 -21.34 -22.91
CA GLY E 128 52.39 -20.02 -23.08
C GLY E 128 53.26 -19.12 -23.93
N ILE E 129 54.58 -19.21 -23.73
CA ILE E 129 55.54 -18.42 -24.52
C ILE E 129 55.57 -18.90 -25.97
N GLU E 130 55.66 -20.21 -26.16
CA GLU E 130 55.50 -20.83 -27.48
C GLU E 130 54.36 -20.24 -28.29
N ALA E 131 53.17 -20.20 -27.67
CA ALA E 131 51.92 -19.81 -28.33
C ALA E 131 51.86 -18.32 -28.62
N MET E 132 52.24 -17.52 -27.64
CA MET E 132 52.28 -16.06 -27.80
C MET E 132 53.29 -15.67 -28.89
N GLN E 133 54.42 -16.38 -28.92
CA GLN E 133 55.43 -16.22 -29.97
C GLN E 133 54.87 -16.48 -31.36
N LYS E 134 54.00 -17.49 -31.49
CA LYS E 134 53.33 -17.74 -32.76
C LYS E 134 52.44 -16.56 -33.14
N ALA E 135 51.70 -16.01 -32.16
CA ALA E 135 50.83 -14.85 -32.40
C ALA E 135 51.59 -13.62 -32.85
N VAL E 136 52.76 -13.41 -32.27
CA VAL E 136 53.62 -12.27 -32.62
C VAL E 136 54.14 -12.44 -34.04
N ASP E 137 54.53 -13.65 -34.41
CA ASP E 137 55.00 -13.92 -35.77
C ASP E 137 53.89 -13.79 -36.79
N LEU E 138 52.68 -14.18 -36.41
CA LEU E 138 51.52 -14.09 -37.29
C LEU E 138 50.94 -12.67 -37.44
N ASP E 139 51.32 -11.75 -36.54
CA ASP E 139 50.81 -10.38 -36.56
C ASP E 139 51.76 -9.46 -35.76
N PRO E 140 52.91 -9.09 -36.36
CA PRO E 140 53.95 -8.41 -35.59
C PRO E 140 53.67 -6.93 -35.30
N GLU E 141 52.64 -6.38 -35.94
CA GLU E 141 52.19 -5.03 -35.67
C GLU E 141 51.37 -4.88 -34.39
N GLU E 142 50.76 -5.97 -33.92
CA GLU E 142 49.87 -5.90 -32.75
C GLU E 142 50.66 -5.74 -31.47
N ILE E 143 50.26 -4.75 -30.67
CA ILE E 143 51.03 -4.33 -29.49
C ILE E 143 50.80 -5.29 -28.33
N LYS E 144 49.54 -5.67 -28.10
CA LYS E 144 49.16 -6.60 -27.03
C LYS E 144 50.04 -7.83 -26.94
N TYR E 145 50.34 -8.44 -28.11
CA TYR E 145 51.11 -9.68 -28.17
C TYR E 145 52.57 -9.49 -27.75
N HIS E 146 53.16 -8.34 -28.09
CA HIS E 146 54.50 -8.01 -27.61
C HIS E 146 54.50 -7.70 -26.10
N GLN E 147 53.45 -7.04 -25.61
CA GLN E 147 53.30 -6.77 -24.16
C GLN E 147 53.38 -8.05 -23.35
N HIS E 148 52.50 -8.99 -23.67
CA HIS E 148 52.40 -10.26 -22.93
C HIS E 148 53.65 -11.12 -23.04
N LEU E 149 54.21 -11.22 -24.25
CA LEU E 149 55.46 -11.99 -24.46
C LEU E 149 56.59 -11.40 -23.62
N GLY E 150 56.61 -10.08 -23.50
CA GLY E 150 57.56 -9.38 -22.65
C GLY E 150 57.45 -9.79 -21.20
N PHE E 151 56.23 -9.75 -20.67
CA PHE E 151 55.98 -10.13 -19.28
C PHE E 151 56.21 -11.61 -18.99
N MET E 152 55.78 -12.47 -19.90
CA MET E 152 56.12 -13.90 -19.84
C MET E 152 57.63 -14.12 -19.70
N ASN E 153 58.42 -13.39 -20.49
CA ASN E 153 59.89 -13.46 -20.38
C ASN E 153 60.41 -12.91 -19.04
N VAL E 154 59.77 -11.86 -18.52
CA VAL E 154 60.09 -11.35 -17.19
C VAL E 154 59.90 -12.46 -16.16
N ARG E 155 58.73 -13.09 -16.18
CA ARG E 155 58.37 -14.15 -15.20
C ARG E 155 59.36 -15.33 -15.19
N LYS E 156 59.99 -15.59 -16.35
CA LYS E 156 61.02 -16.64 -16.50
C LYS E 156 62.47 -16.11 -16.27
N ASP E 157 62.60 -14.88 -15.75
CA ASP E 157 63.90 -14.14 -15.62
C ASP E 157 64.86 -14.24 -16.83
N ASP E 158 64.31 -13.91 -18.01
CA ASP E 158 65.07 -13.62 -19.23
C ASP E 158 64.80 -12.16 -19.60
N HIS E 159 65.33 -11.26 -18.77
CA HIS E 159 65.14 -9.81 -18.91
C HIS E 159 65.73 -9.21 -20.21
N LYS E 160 66.67 -9.90 -20.85
CA LYS E 160 67.15 -9.51 -22.20
C LYS E 160 66.03 -9.55 -23.24
N THR E 161 65.41 -10.73 -23.38
CA THR E 161 64.34 -10.92 -24.38
C THR E 161 63.10 -10.11 -24.02
N ALA E 162 62.88 -9.92 -22.70
CA ALA E 162 61.80 -9.08 -22.23
C ALA E 162 62.00 -7.65 -22.71
N ALA E 163 63.23 -7.14 -22.52
CA ALA E 163 63.61 -5.78 -22.95
C ALA E 163 63.31 -5.58 -24.42
N GLU E 164 63.81 -6.52 -25.24
CA GLU E 164 63.59 -6.53 -26.68
C GLU E 164 62.14 -6.26 -27.04
N HIS E 165 61.25 -7.04 -26.43
CA HIS E 165 59.84 -6.97 -26.73
C HIS E 165 59.22 -5.67 -26.30
N PHE E 166 59.56 -5.18 -25.10
CA PHE E 166 59.03 -3.91 -24.61
C PHE E 166 59.51 -2.72 -25.43
N THR E 167 60.78 -2.74 -25.88
CA THR E 167 61.29 -1.68 -26.75
C THR E 167 60.42 -1.63 -28.00
N LYS E 168 60.15 -2.80 -28.58
CA LYS E 168 59.22 -2.92 -29.69
C LYS E 168 57.82 -2.39 -29.35
N VAL E 169 57.31 -2.70 -28.15
CA VAL E 169 56.00 -2.20 -27.70
C VAL E 169 55.91 -0.69 -27.85
N MET E 170 56.99 0.00 -27.51
CA MET E 170 56.99 1.45 -27.58
C MET E 170 57.17 2.01 -29.00
N GLU E 171 58.07 1.40 -29.76
CA GLU E 171 58.21 1.73 -31.19
C GLU E 171 56.86 1.67 -31.89
N LEU E 172 56.09 0.63 -31.61
CA LEU E 172 54.71 0.55 -32.09
C LEU E 172 53.82 1.73 -31.62
N GLU E 173 53.98 2.14 -30.35
CA GLU E 173 53.18 3.23 -29.76
C GLU E 173 53.53 4.62 -30.31
N ARG E 174 54.82 4.94 -30.42
CA ARG E 174 55.28 6.16 -31.15
C ARG E 174 54.74 6.19 -32.58
N SER E 175 54.78 5.02 -33.23
CA SER E 175 54.27 4.82 -34.58
C SER E 175 52.75 4.86 -34.72
N GLN E 176 51.95 4.92 -33.64
CA GLN E 176 50.48 5.02 -33.74
C GLN E 176 49.94 6.47 -33.50
N ASP E 177 50.84 7.46 -33.65
CA ASP E 177 50.48 8.90 -33.46
C ASP E 177 50.47 9.92 -34.65
N SER E 178 49.43 9.75 -35.49
CA SER E 178 48.78 10.79 -36.38
C SER E 178 48.71 10.35 -37.85
N ALA F 2 -39.51 -37.05 -8.90
CA ALA F 2 -38.86 -36.04 -9.78
C ALA F 2 -37.85 -35.13 -9.05
N MET F 3 -37.80 -35.14 -7.71
CA MET F 3 -36.90 -34.22 -6.99
C MET F 3 -35.47 -34.78 -6.95
N GLY F 4 -34.51 -34.00 -7.45
CA GLY F 4 -33.12 -34.42 -7.51
C GLY F 4 -32.49 -34.61 -6.14
N ASP F 5 -31.42 -35.40 -6.06
CA ASP F 5 -30.63 -35.48 -4.83
C ASP F 5 -30.02 -34.12 -4.50
N LYS F 6 -29.64 -33.38 -5.54
CA LYS F 6 -28.98 -32.09 -5.38
C LYS F 6 -29.94 -31.11 -4.75
N ALA F 7 -31.15 -31.07 -5.29
CA ALA F 7 -32.24 -30.26 -4.75
C ALA F 7 -32.53 -30.55 -3.27
N LYS F 8 -32.50 -31.83 -2.88
CA LYS F 8 -32.76 -32.24 -1.49
C LYS F 8 -31.70 -31.71 -0.55
N LEU F 9 -30.44 -31.88 -0.95
CA LEU F 9 -29.28 -31.36 -0.22
C LEU F 9 -29.40 -29.88 0.05
N PHE F 10 -29.70 -29.11 -0.99
CA PHE F 10 -29.76 -27.65 -0.88
C PHE F 10 -30.92 -27.17 -0.03
N ARG F 11 -32.07 -27.83 -0.15
CA ARG F 11 -33.21 -27.55 0.74
C ARG F 11 -32.79 -27.74 2.20
N ASN F 12 -32.21 -28.90 2.47
CA ASN F 12 -31.75 -29.28 3.80
C ASN F 12 -30.79 -28.23 4.39
N ILE F 13 -29.81 -27.77 3.62
CA ILE F 13 -28.86 -26.76 4.08
C ILE F 13 -29.55 -25.41 4.26
N SER F 14 -30.47 -25.05 3.35
CA SER F 14 -31.26 -23.80 3.48
C SER F 14 -31.99 -23.69 4.82
N GLN F 15 -32.51 -24.82 5.29
CA GLN F 15 -33.30 -24.87 6.51
C GLN F 15 -32.44 -24.70 7.77
N ARG F 16 -31.29 -25.35 7.82
CA ARG F 16 -30.31 -25.09 8.88
C ARG F 16 -29.87 -23.64 8.93
N CYS F 17 -29.69 -23.05 7.76
CA CYS F 17 -29.24 -21.66 7.67
C CYS F 17 -30.34 -20.70 8.14
N LEU F 18 -31.61 -20.99 7.82
CA LEU F 18 -32.76 -20.22 8.37
C LEU F 18 -32.98 -20.49 9.87
N ARG F 19 -32.80 -21.74 10.29
CA ARG F 19 -32.94 -22.18 11.71
C ARG F 19 -31.80 -21.68 12.64
N ARG F 20 -30.63 -21.34 12.08
CA ARG F 20 -29.59 -20.58 12.80
C ARG F 20 -29.70 -19.06 12.44
N GLY F 21 -30.93 -18.58 12.18
CA GLY F 21 -31.22 -17.18 11.87
C GLY F 21 -30.29 -16.40 10.93
N SER F 22 -29.83 -17.07 9.86
CA SER F 22 -28.80 -16.54 8.92
C SER F 22 -29.34 -16.54 7.47
N PRO F 23 -30.35 -15.70 7.16
CA PRO F 23 -30.98 -15.73 5.81
C PRO F 23 -30.08 -15.27 4.65
N GLU F 24 -29.02 -14.53 4.97
CA GLU F 24 -28.01 -14.13 3.99
C GLU F 24 -27.41 -15.38 3.33
N GLU F 25 -26.97 -16.32 4.15
CA GLU F 25 -26.42 -17.61 3.70
C GLU F 25 -27.49 -18.47 3.05
N ALA F 26 -28.63 -18.60 3.72
CA ALA F 26 -29.77 -19.39 3.23
C ALA F 26 -30.11 -19.05 1.77
N LEU F 27 -30.17 -17.75 1.46
CA LEU F 27 -30.35 -17.29 0.10
C LEU F 27 -29.44 -17.96 -0.92
N ARG F 28 -28.14 -18.03 -0.62
CA ARG F 28 -27.17 -18.59 -1.57
C ARG F 28 -27.53 -20.02 -1.99
N PHE F 29 -28.02 -20.80 -1.02
CA PHE F 29 -28.42 -22.20 -1.21
C PHE F 29 -29.83 -22.39 -1.77
N LEU F 30 -30.74 -21.48 -1.44
CA LEU F 30 -32.06 -21.50 -2.07
C LEU F 30 -31.93 -21.24 -3.57
N LYS F 31 -31.04 -20.35 -3.97
CA LYS F 31 -30.74 -20.12 -5.38
C LYS F 31 -30.19 -21.37 -6.10
N GLU F 32 -29.46 -22.20 -5.37
CA GLU F 32 -28.95 -23.48 -5.90
C GLU F 32 -30.05 -24.50 -6.08
N TRP F 33 -30.91 -24.63 -5.08
CA TRP F 33 -32.11 -25.44 -5.21
C TRP F 33 -32.87 -25.01 -6.47
N ALA F 34 -33.09 -23.71 -6.62
CA ALA F 34 -33.76 -23.17 -7.80
C ALA F 34 -33.04 -23.54 -9.09
N ARG F 35 -31.72 -23.42 -9.12
CA ARG F 35 -30.97 -23.76 -10.33
C ARG F 35 -31.32 -25.17 -10.80
N HIS F 36 -31.31 -26.13 -9.89
CA HIS F 36 -31.51 -27.53 -10.24
C HIS F 36 -32.99 -27.89 -10.50
N GLU F 37 -33.90 -27.55 -9.59
CA GLU F 37 -35.33 -27.75 -9.84
C GLU F 37 -35.95 -26.43 -10.31
N LYS F 38 -35.60 -26.01 -11.53
CA LYS F 38 -36.26 -24.82 -12.12
C LYS F 38 -37.71 -25.15 -12.45
N ASN F 39 -38.54 -24.13 -12.31
CA ASN F 39 -40.01 -24.28 -12.35
C ASN F 39 -40.66 -24.90 -11.11
N ASP F 40 -39.89 -25.37 -10.12
CA ASP F 40 -40.42 -25.66 -8.77
C ASP F 40 -40.62 -24.29 -8.14
N PRO F 41 -41.87 -23.94 -7.78
CA PRO F 41 -42.07 -22.67 -7.15
C PRO F 41 -41.53 -22.59 -5.73
N GLU F 42 -41.34 -23.70 -5.02
CA GLU F 42 -41.02 -23.63 -3.59
C GLU F 42 -39.71 -22.91 -3.23
N PRO F 43 -38.60 -23.21 -3.92
CA PRO F 43 -37.39 -22.43 -3.62
C PRO F 43 -37.55 -20.92 -3.84
N LEU F 44 -38.27 -20.53 -4.89
CA LEU F 44 -38.55 -19.13 -5.14
C LEU F 44 -39.37 -18.51 -4.02
N TYR F 45 -40.46 -19.17 -3.63
CA TYR F 45 -41.24 -18.74 -2.48
C TYR F 45 -40.36 -18.53 -1.23
N GLN F 46 -39.44 -19.45 -0.95
CA GLN F 46 -38.51 -19.31 0.19
C GLN F 46 -37.52 -18.15 0.04
N MET F 47 -36.97 -17.97 -1.16
CA MET F 47 -36.12 -16.80 -1.46
C MET F 47 -36.83 -15.51 -1.11
N GLY F 48 -38.09 -15.41 -1.55
CA GLY F 48 -38.97 -14.29 -1.22
C GLY F 48 -39.04 -13.98 0.26
N ILE F 49 -39.22 -15.03 1.06
CA ILE F 49 -39.31 -14.87 2.51
C ILE F 49 -38.00 -14.33 3.07
N ALA F 50 -36.88 -14.91 2.63
CA ALA F 50 -35.55 -14.50 3.10
C ALA F 50 -35.28 -13.06 2.73
N LEU F 51 -35.49 -12.74 1.46
CA LEU F 51 -35.34 -11.37 0.99
C LEU F 51 -36.15 -10.38 1.83
N ALA F 52 -37.38 -10.73 2.19
CA ALA F 52 -38.20 -9.86 3.02
C ALA F 52 -37.65 -9.69 4.46
N ASN F 53 -37.09 -10.76 5.05
CA ASN F 53 -36.45 -10.65 6.39
C ASN F 53 -35.24 -9.75 6.30
N LEU F 54 -34.43 -9.92 5.25
CA LEU F 54 -33.24 -9.08 5.05
C LEU F 54 -33.58 -7.62 4.71
N GLY F 55 -34.83 -7.36 4.37
CA GLY F 55 -35.33 -6.01 4.13
C GLY F 55 -35.07 -5.51 2.73
N ASP F 56 -34.76 -6.43 1.79
CA ASP F 56 -34.67 -6.12 0.36
C ASP F 56 -36.08 -6.37 -0.22
N TYR F 57 -37.01 -5.50 0.17
CA TYR F 57 -38.43 -5.68 -0.09
C TYR F 57 -38.76 -5.64 -1.58
N GLN F 58 -38.10 -4.74 -2.33
CA GLN F 58 -38.39 -4.58 -3.74
C GLN F 58 -38.02 -5.86 -4.50
N ARG F 59 -36.86 -6.43 -4.15
CA ARG F 59 -36.42 -7.73 -4.68
C ARG F 59 -37.32 -8.89 -4.29
N ALA F 60 -37.87 -8.84 -3.07
CA ALA F 60 -38.80 -9.85 -2.59
C ALA F 60 -40.10 -9.87 -3.41
N VAL F 61 -40.64 -8.69 -3.72
CA VAL F 61 -41.82 -8.61 -4.58
C VAL F 61 -41.52 -9.28 -5.93
N THR F 62 -40.34 -9.00 -6.49
CA THR F 62 -39.98 -9.52 -7.81
C THR F 62 -39.94 -11.04 -7.86
N VAL F 63 -39.47 -11.67 -6.77
CA VAL F 63 -39.39 -13.12 -6.65
C VAL F 63 -40.78 -13.71 -6.41
N PHE F 64 -41.58 -13.06 -5.55
CA PHE F 64 -42.97 -13.48 -5.34
C PHE F 64 -43.76 -13.40 -6.65
N ASP F 65 -43.42 -12.48 -7.54
CA ASP F 65 -44.05 -12.44 -8.85
C ASP F 65 -43.65 -13.64 -9.70
N LYS F 66 -42.39 -14.06 -9.62
CA LYS F 66 -41.94 -15.28 -10.32
C LYS F 66 -42.74 -16.50 -9.85
N VAL F 67 -42.89 -16.66 -8.54
CA VAL F 67 -43.66 -17.78 -8.02
C VAL F 67 -45.13 -17.70 -8.45
N LEU F 68 -45.69 -16.49 -8.52
CA LEU F 68 -47.10 -16.33 -8.96
C LEU F 68 -47.29 -16.53 -10.45
N LYS F 69 -46.27 -16.25 -11.26
CA LYS F 69 -46.29 -16.61 -12.69
C LYS F 69 -46.38 -18.14 -12.85
N LEU F 70 -45.67 -18.88 -12.00
CA LEU F 70 -45.71 -20.35 -12.00
C LEU F 70 -47.00 -20.92 -11.41
N ARG F 71 -47.50 -20.33 -10.33
CA ARG F 71 -48.74 -20.77 -9.67
C ARG F 71 -49.64 -19.57 -9.38
N PRO F 72 -50.44 -19.15 -10.36
CA PRO F 72 -51.31 -17.98 -10.22
C PRO F 72 -52.12 -17.88 -8.94
N ASN F 73 -52.53 -19.01 -8.36
CA ASN F 73 -53.28 -18.98 -7.10
C ASN F 73 -52.46 -19.24 -5.84
N HIS F 74 -51.12 -19.14 -5.92
CA HIS F 74 -50.26 -19.43 -4.76
C HIS F 74 -50.67 -18.43 -3.70
N PHE F 75 -51.32 -18.93 -2.68
CA PHE F 75 -52.09 -18.09 -1.79
C PHE F 75 -51.12 -17.42 -0.80
N MET F 76 -50.23 -18.20 -0.21
CA MET F 76 -49.13 -17.62 0.57
C MET F 76 -48.22 -16.59 -0.13
N ALA F 77 -48.03 -16.76 -1.44
CA ALA F 77 -47.14 -15.91 -2.19
C ALA F 77 -47.81 -14.54 -2.35
N SER F 78 -49.12 -14.53 -2.57
CA SER F 78 -49.89 -13.28 -2.60
C SER F 78 -49.91 -12.62 -1.24
N TYR F 79 -50.21 -13.40 -0.19
CA TYR F 79 -50.20 -12.88 1.19
C TYR F 79 -48.93 -12.09 1.48
N ARG F 80 -47.77 -12.69 1.24
CA ARG F 80 -46.50 -12.06 1.62
C ARG F 80 -46.12 -10.89 0.71
N LYS F 81 -46.49 -11.01 -0.57
CA LYS F 81 -46.31 -9.92 -1.50
C LYS F 81 -47.12 -8.70 -1.04
N GLY F 82 -48.42 -8.92 -0.78
CA GLY F 82 -49.30 -7.90 -0.21
C GLY F 82 -48.71 -7.25 1.03
N ALA F 83 -48.19 -8.07 1.93
CA ALA F 83 -47.66 -7.59 3.19
C ALA F 83 -46.37 -6.75 3.04
N VAL F 84 -45.52 -7.04 2.04
CA VAL F 84 -44.33 -6.18 1.81
C VAL F 84 -44.73 -4.95 0.99
N LEU F 85 -45.66 -5.10 0.05
CA LEU F 85 -46.19 -3.94 -0.66
C LEU F 85 -46.75 -2.88 0.32
N LEU F 86 -47.37 -3.34 1.41
CA LEU F 86 -47.82 -2.44 2.46
C LEU F 86 -46.65 -1.77 3.17
N LYS F 87 -45.65 -2.55 3.60
CA LYS F 87 -44.46 -2.02 4.32
C LYS F 87 -43.77 -0.94 3.48
N ILE F 88 -43.58 -1.23 2.19
CA ILE F 88 -43.07 -0.28 1.18
C ILE F 88 -43.96 0.96 0.97
N LYS F 89 -45.20 0.93 1.45
CA LYS F 89 -46.17 2.02 1.27
C LYS F 89 -46.71 2.13 -0.16
N GLN F 90 -46.61 1.05 -0.93
CA GLN F 90 -47.29 0.96 -2.24
C GLN F 90 -48.74 0.47 -2.03
N TYR F 91 -49.59 1.34 -1.51
CA TYR F 91 -50.91 0.95 -1.04
C TYR F 91 -51.84 0.54 -2.20
N LYS F 92 -51.85 1.32 -3.29
CA LYS F 92 -52.76 1.06 -4.43
C LYS F 92 -52.60 -0.32 -5.04
N LEU F 93 -51.36 -0.78 -5.05
CA LEU F 93 -50.97 -2.01 -5.70
C LEU F 93 -51.13 -3.22 -4.75
N ALA F 94 -51.02 -2.94 -3.44
CA ALA F 94 -51.28 -3.93 -2.42
C ALA F 94 -52.77 -4.29 -2.28
N LEU F 95 -53.66 -3.36 -2.65
CA LEU F 95 -55.10 -3.56 -2.45
C LEU F 95 -55.70 -4.77 -3.20
N PRO F 96 -55.52 -4.86 -4.54
CA PRO F 96 -56.01 -6.04 -5.25
C PRO F 96 -55.40 -7.37 -4.80
N VAL F 97 -54.14 -7.34 -4.35
CA VAL F 97 -53.45 -8.53 -3.88
C VAL F 97 -54.08 -9.02 -2.59
N LEU F 98 -54.16 -8.13 -1.60
CA LEU F 98 -54.72 -8.46 -0.30
C LEU F 98 -56.20 -8.82 -0.38
N GLU F 99 -56.94 -8.18 -1.30
CA GLU F 99 -58.38 -8.45 -1.47
C GLU F 99 -58.64 -9.89 -2.01
N ALA F 100 -57.64 -10.40 -2.72
CA ALA F 100 -57.60 -11.77 -3.23
C ALA F 100 -57.25 -12.78 -2.17
N VAL F 101 -56.37 -12.38 -1.23
CA VAL F 101 -56.02 -13.19 -0.06
C VAL F 101 -57.25 -13.41 0.82
N VAL F 102 -57.99 -12.34 1.08
CA VAL F 102 -59.20 -12.41 1.91
C VAL F 102 -60.31 -13.22 1.24
N ALA F 103 -60.34 -13.25 -0.09
CA ALA F 103 -61.29 -14.09 -0.82
C ALA F 103 -60.94 -15.59 -0.73
N ALA F 104 -59.65 -15.89 -0.58
CA ALA F 104 -59.15 -17.25 -0.38
C ALA F 104 -59.32 -17.72 1.05
N ALA F 105 -59.29 -16.78 1.99
CA ALA F 105 -59.12 -17.08 3.41
C ALA F 105 -60.02 -16.16 4.23
N PRO F 106 -61.33 -16.26 4.04
CA PRO F 106 -62.20 -15.20 4.55
C PRO F 106 -62.37 -15.12 6.06
N ALA F 107 -61.69 -15.97 6.82
CA ALA F 107 -61.68 -15.89 8.28
C ALA F 107 -60.31 -15.57 8.84
N ASP F 108 -59.37 -15.20 7.97
CA ASP F 108 -58.03 -14.82 8.39
C ASP F 108 -58.10 -13.39 8.87
N ALA F 109 -58.15 -13.19 10.18
CA ALA F 109 -58.27 -11.84 10.74
C ALA F 109 -57.15 -10.91 10.28
N ARG F 110 -55.93 -11.44 10.24
CA ARG F 110 -54.78 -10.64 9.88
C ARG F 110 -54.83 -10.13 8.44
N ALA F 111 -55.26 -10.97 7.50
CA ALA F 111 -55.43 -10.54 6.11
C ALA F 111 -56.29 -9.28 6.04
N TYR F 112 -57.43 -9.30 6.73
CA TYR F 112 -58.34 -8.15 6.79
C TYR F 112 -57.72 -6.93 7.44
N TYR F 113 -56.85 -7.13 8.43
CA TYR F 113 -56.08 -6.04 9.05
C TYR F 113 -55.15 -5.34 8.05
N LEU F 114 -54.32 -6.13 7.37
CA LEU F 114 -53.44 -5.60 6.34
C LEU F 114 -54.24 -4.93 5.23
N LEU F 115 -55.36 -5.52 4.87
CA LEU F 115 -56.23 -4.90 3.90
C LEU F 115 -56.72 -3.53 4.37
N GLY F 116 -57.16 -3.44 5.62
CA GLY F 116 -57.58 -2.16 6.18
C GLY F 116 -56.51 -1.08 6.19
N LEU F 117 -55.28 -1.50 6.51
CA LEU F 117 -54.14 -0.58 6.51
C LEU F 117 -53.79 -0.09 5.10
N ALA F 118 -53.92 -0.98 4.11
CA ALA F 118 -53.77 -0.60 2.70
C ALA F 118 -54.83 0.41 2.25
N TYR F 119 -56.09 0.14 2.53
CA TYR F 119 -57.18 1.09 2.19
C TYR F 119 -56.98 2.42 2.89
N ASP F 120 -56.58 2.36 4.16
CA ASP F 120 -56.37 3.57 4.93
C ASP F 120 -55.28 4.42 4.32
N GLY F 121 -54.17 3.78 3.96
CA GLY F 121 -53.06 4.43 3.29
C GLY F 121 -53.39 5.04 1.94
N ASP F 122 -54.39 4.46 1.24
CA ASP F 122 -54.89 4.97 -0.05
C ASP F 122 -56.00 6.05 0.10
N GLU F 123 -56.19 6.55 1.33
CA GLU F 123 -57.23 7.51 1.65
C GLU F 123 -58.62 7.05 1.26
N GLN F 124 -58.88 5.77 1.48
CA GLN F 124 -60.22 5.20 1.42
C GLN F 124 -60.58 4.87 2.84
N LEU F 125 -60.75 5.91 3.65
CA LEU F 125 -60.93 5.74 5.09
C LEU F 125 -62.09 4.81 5.42
N GLU F 126 -63.21 4.92 4.70
CA GLU F 126 -64.40 4.13 5.03
C GLU F 126 -64.25 2.66 4.75
N LYS F 127 -63.58 2.31 3.64
CA LYS F 127 -63.27 0.90 3.33
C LYS F 127 -62.21 0.30 4.26
N GLY F 128 -61.29 1.15 4.74
CA GLY F 128 -60.34 0.77 5.75
C GLY F 128 -61.00 0.39 7.05
N ILE F 129 -62.04 1.14 7.44
CA ILE F 129 -62.79 0.86 8.66
C ILE F 129 -63.58 -0.44 8.52
N GLU F 130 -64.29 -0.60 7.40
CA GLU F 130 -64.94 -1.86 7.04
C GLU F 130 -64.06 -3.07 7.31
N ALA F 131 -62.83 -3.02 6.78
CA ALA F 131 -61.90 -4.17 6.79
C ALA F 131 -61.33 -4.44 8.17
N MET F 132 -60.92 -3.37 8.85
CA MET F 132 -60.41 -3.48 10.22
C MET F 132 -61.50 -4.02 11.16
N GLN F 133 -62.72 -3.56 10.95
CA GLN F 133 -63.90 -4.07 11.68
C GLN F 133 -64.08 -5.57 11.50
N LYS F 134 -63.85 -6.08 10.29
CA LYS F 134 -63.90 -7.53 10.05
C LYS F 134 -62.81 -8.23 10.87
N ALA F 135 -61.61 -7.66 10.90
CA ALA F 135 -60.49 -8.23 11.67
C ALA F 135 -60.76 -8.29 13.16
N VAL F 136 -61.41 -7.24 13.68
CA VAL F 136 -61.77 -7.17 15.09
C VAL F 136 -62.82 -8.23 15.43
N ASP F 137 -63.80 -8.41 14.54
CA ASP F 137 -64.83 -9.44 14.73
C ASP F 137 -64.25 -10.84 14.64
N LEU F 138 -63.27 -11.03 13.77
CA LEU F 138 -62.61 -12.32 13.58
C LEU F 138 -61.61 -12.67 14.68
N ASP F 139 -61.19 -11.69 15.48
CA ASP F 139 -60.20 -11.90 16.55
C ASP F 139 -60.30 -10.76 17.58
N PRO F 140 -61.32 -10.81 18.45
CA PRO F 140 -61.60 -9.64 19.31
C PRO F 140 -60.64 -9.48 20.49
N GLU F 141 -59.81 -10.50 20.74
CA GLU F 141 -58.78 -10.41 21.76
C GLU F 141 -57.53 -9.61 21.34
N GLU F 142 -57.31 -9.47 20.03
CA GLU F 142 -56.11 -8.80 19.53
C GLU F 142 -56.17 -7.30 19.74
N ILE F 143 -55.11 -6.74 20.33
CA ILE F 143 -55.13 -5.35 20.76
C ILE F 143 -54.88 -4.42 19.58
N LYS F 144 -53.91 -4.77 18.73
CA LYS F 144 -53.58 -3.99 17.52
C LYS F 144 -54.79 -3.54 16.72
N TYR F 145 -55.74 -4.47 16.50
CA TYR F 145 -56.91 -4.22 15.66
C TYR F 145 -57.87 -3.20 16.30
N HIS F 146 -58.01 -3.24 17.62
CA HIS F 146 -58.78 -2.21 18.33
C HIS F 146 -58.07 -0.86 18.32
N GLN F 147 -56.74 -0.85 18.44
CA GLN F 147 -55.95 0.40 18.36
C GLN F 147 -56.25 1.13 17.06
N HIS F 148 -56.03 0.44 15.93
CA HIS F 148 -56.20 1.04 14.61
C HIS F 148 -57.63 1.48 14.32
N LEU F 149 -58.61 0.63 14.66
CA LEU F 149 -60.02 0.97 14.48
C LEU F 149 -60.39 2.23 15.26
N GLY F 150 -59.80 2.37 16.45
CA GLY F 150 -59.97 3.56 17.27
C GLY F 150 -59.49 4.80 16.58
N PHE F 151 -58.26 4.75 16.06
CA PHE F 151 -57.68 5.90 15.36
C PHE F 151 -58.38 6.23 14.03
N MET F 152 -58.73 5.20 13.27
CA MET F 152 -59.57 5.40 12.08
C MET F 152 -60.86 6.16 12.42
N ASN F 153 -61.51 5.81 13.53
CA ASN F 153 -62.70 6.54 13.99
C ASN F 153 -62.38 7.98 14.42
N VAL F 154 -61.22 8.19 15.03
CA VAL F 154 -60.76 9.54 15.36
C VAL F 154 -60.68 10.37 14.08
N ARG F 155 -59.98 9.82 13.08
CA ARG F 155 -59.73 10.55 11.81
C ARG F 155 -61.04 10.96 11.09
N LYS F 156 -62.11 10.18 11.30
CA LYS F 156 -63.45 10.47 10.77
C LYS F 156 -64.33 11.31 11.73
N ASP F 157 -63.73 11.87 12.80
CA ASP F 157 -64.44 12.55 13.92
C ASP F 157 -65.75 11.87 14.43
N ASP F 158 -65.62 10.57 14.75
CA ASP F 158 -66.60 9.82 15.52
C ASP F 158 -65.90 9.39 16.83
N HIS F 159 -65.66 10.39 17.68
CA HIS F 159 -64.96 10.20 18.97
C HIS F 159 -65.69 9.29 19.98
N LYS F 160 -67.00 9.10 19.81
CA LYS F 160 -67.76 8.12 20.61
C LYS F 160 -67.23 6.68 20.36
N THR F 161 -67.28 6.26 19.09
CA THR F 161 -66.86 4.90 18.71
C THR F 161 -65.35 4.71 18.92
N ALA F 162 -64.60 5.80 18.76
CA ALA F 162 -63.16 5.78 19.03
C ALA F 162 -62.93 5.46 20.51
N ALA F 163 -63.65 6.17 21.39
CA ALA F 163 -63.55 5.97 22.84
C ALA F 163 -63.80 4.51 23.19
N GLU F 164 -64.91 3.98 22.68
CA GLU F 164 -65.30 2.57 22.87
C GLU F 164 -64.13 1.63 22.64
N HIS F 165 -63.49 1.79 21.49
CA HIS F 165 -62.41 0.91 21.09
C HIS F 165 -61.18 1.05 21.96
N PHE F 166 -60.81 2.29 22.30
CA PHE F 166 -59.64 2.51 23.16
C PHE F 166 -59.87 2.00 24.58
N THR F 167 -61.08 2.14 25.12
CA THR F 167 -61.40 1.58 26.44
C THR F 167 -61.17 0.08 26.40
N LYS F 168 -61.64 -0.56 25.34
CA LYS F 168 -61.36 -1.98 25.11
C LYS F 168 -59.85 -2.27 25.00
N VAL F 169 -59.10 -1.40 24.30
CA VAL F 169 -57.63 -1.55 24.20
C VAL F 169 -56.99 -1.70 25.57
N MET F 170 -57.48 -0.93 26.53
CA MET F 170 -56.90 -0.95 27.86
C MET F 170 -57.36 -2.15 28.71
N GLU F 171 -58.65 -2.48 28.63
CA GLU F 171 -59.18 -3.70 29.24
C GLU F 171 -58.35 -4.91 28.83
N LEU F 172 -58.04 -5.00 27.54
CA LEU F 172 -57.12 -6.02 27.05
C LEU F 172 -55.71 -5.96 27.72
N GLU F 173 -55.20 -4.74 27.91
CA GLU F 173 -53.85 -4.52 28.50
C GLU F 173 -53.78 -4.85 30.00
N ARG F 174 -54.76 -4.40 30.79
CA ARG F 174 -54.92 -4.84 32.18
C ARG F 174 -55.00 -6.37 32.30
N SER F 175 -55.76 -6.96 31.36
CA SER F 175 -55.94 -8.40 31.25
C SER F 175 -54.71 -9.18 30.75
N GLN F 176 -53.63 -8.54 30.31
CA GLN F 176 -52.39 -9.25 29.87
C GLN F 176 -51.27 -9.24 30.97
N ASP F 177 -51.66 -8.97 32.22
CA ASP F 177 -50.76 -8.96 33.41
C ASP F 177 -51.27 -9.91 34.53
N SER F 178 -52.50 -9.63 35.02
CA SER F 178 -53.40 -10.62 35.66
C SER F 178 -54.23 -11.16 34.48
N ASP F 179 -53.90 -12.40 34.08
CA ASP F 179 -53.94 -12.84 32.68
C ASP F 179 -54.26 -14.34 32.56
CL CL G . 6.30 -9.62 -21.91
CL CL H . -17.46 -17.60 -2.27
CL CL I . -13.97 16.95 26.78
CL CL J . -54.39 3.93 12.10
CL CL K . 28.51 18.57 4.83
CL CL L . 51.09 -12.07 -19.14
#